data_8EPD
# 
_entry.id   8EPD 
# 
_audit_conform.dict_name       mmcif_pdbx.dic 
_audit_conform.dict_version    5.389 
_audit_conform.dict_location   http://mmcif.pdb.org/dictionaries/ascii/mmcif_pdbx.dic 
# 
loop_
_database_2.database_id 
_database_2.database_code 
_database_2.pdbx_database_accession 
_database_2.pdbx_DOI 
PDB   8EPD         pdb_00008epd 10.2210/pdb8epd/pdb 
WWPDB D_1000269165 ?            ?                   
# 
loop_
_pdbx_audit_revision_history.ordinal 
_pdbx_audit_revision_history.data_content_type 
_pdbx_audit_revision_history.major_revision 
_pdbx_audit_revision_history.minor_revision 
_pdbx_audit_revision_history.revision_date 
1 'Structure model' 1 0 2023-03-08 
2 'Structure model' 1 1 2023-03-15 
3 'Structure model' 1 2 2024-04-03 
# 
_pdbx_audit_revision_details.ordinal             1 
_pdbx_audit_revision_details.revision_ordinal    1 
_pdbx_audit_revision_details.data_content_type   'Structure model' 
_pdbx_audit_revision_details.provider            repository 
_pdbx_audit_revision_details.type                'Initial release' 
_pdbx_audit_revision_details.description         ? 
_pdbx_audit_revision_details.details             ? 
# 
loop_
_pdbx_audit_revision_group.ordinal 
_pdbx_audit_revision_group.revision_ordinal 
_pdbx_audit_revision_group.data_content_type 
_pdbx_audit_revision_group.group 
1 2 'Structure model' 'Database references'    
2 3 'Structure model' 'Data collection'        
3 3 'Structure model' 'Refinement description' 
# 
loop_
_pdbx_audit_revision_category.ordinal 
_pdbx_audit_revision_category.revision_ordinal 
_pdbx_audit_revision_category.data_content_type 
_pdbx_audit_revision_category.category 
1 2 'Structure model' citation                      
2 2 'Structure model' citation_author               
3 3 'Structure model' chem_comp_atom                
4 3 'Structure model' chem_comp_bond                
5 3 'Structure model' pdbx_initial_refinement_model 
# 
loop_
_pdbx_audit_revision_item.ordinal 
_pdbx_audit_revision_item.revision_ordinal 
_pdbx_audit_revision_item.data_content_type 
_pdbx_audit_revision_item.item 
1 2 'Structure model' '_citation.journal_volume'          
2 2 'Structure model' '_citation.page_first'              
3 2 'Structure model' '_citation.page_last'               
4 2 'Structure model' '_citation_author.identifier_ORCID' 
# 
_pdbx_database_status.status_code                     REL 
_pdbx_database_status.status_code_sf                  REL 
_pdbx_database_status.status_code_mr                  ? 
_pdbx_database_status.entry_id                        8EPD 
_pdbx_database_status.recvd_initial_deposition_date   2022-10-05 
_pdbx_database_status.SG_entry                        N 
_pdbx_database_status.deposit_site                    RCSB 
_pdbx_database_status.process_site                    RCSB 
_pdbx_database_status.status_code_cs                  ? 
_pdbx_database_status.status_code_nmr_data            ? 
_pdbx_database_status.methods_development_category    ? 
_pdbx_database_status.pdb_format_compatible           Y 
# 
_pdbx_contact_author.id                 2 
_pdbx_contact_author.email              mao@purdue.edu 
_pdbx_contact_author.name_first         Chengde 
_pdbx_contact_author.name_last          Mao 
_pdbx_contact_author.name_mi            ? 
_pdbx_contact_author.role               'principal investigator/group leader' 
_pdbx_contact_author.identifier_ORCID   0000-0001-7516-8666 
# 
loop_
_audit_author.name 
_audit_author.pdbx_ordinal 
_audit_author.identifier_ORCID 
'Zhang, C.'    1 0000-0003-3342-7003 
'Zhao, J.'     2 ?                   
'Lu, B.'       3 ?                   
'Sha, R.'      4 0000-0002-0807-734X 
'Seeman, N.C.' 5 0000-0002-9680-4649 
'Noinaj, N.'   6 ?                   
'Mao, C.'      7 0000-0001-7516-8666 
# 
_citation.abstract                  ? 
_citation.abstract_id_CAS           ? 
_citation.book_id_ISBN              ? 
_citation.book_publisher            ? 
_citation.book_publisher_city       ? 
_citation.book_title                ? 
_citation.coordinate_linkage        ? 
_citation.country                   US 
_citation.database_id_Medline       ? 
_citation.details                   ? 
_citation.id                        primary 
_citation.journal_abbrev            J.Am.Chem.Soc. 
_citation.journal_id_ASTM           JACSAT 
_citation.journal_id_CSD            ? 
_citation.journal_id_ISSN           1520-5126 
_citation.journal_full              ? 
_citation.journal_issue             ? 
_citation.journal_volume            145 
_citation.language                  ? 
_citation.page_first                4853 
_citation.page_last                 4859 
_citation.title                     'Engineering DNA Crystals toward Studying DNA-Guest Molecule Interactions.' 
_citation.year                      2023 
_citation.database_id_CSD           ? 
_citation.pdbx_database_id_DOI      10.1021/jacs.3c00081 
_citation.pdbx_database_id_PubMed   36791277 
_citation.pdbx_database_id_patent   ? 
_citation.unpublished_flag          ? 
# 
loop_
_citation_author.citation_id 
_citation_author.name 
_citation_author.ordinal 
_citation_author.identifier_ORCID 
primary 'Zhang, C.'    1 ? 
primary 'Zhao, J.'     2 ? 
primary 'Lu, B.'       3 ? 
primary 'Seeman, N.C.' 4 ? 
primary 'Sha, R.'      5 ? 
primary 'Noinaj, N.'   6 ? 
primary 'Mao, C.'      7 ? 
# 
loop_
_entity.id 
_entity.type 
_entity.src_method 
_entity.pdbx_description 
_entity.formula_weight 
_entity.pdbx_number_of_molecules 
_entity.pdbx_ec 
_entity.pdbx_mutation 
_entity.pdbx_fragment 
_entity.details 
1 polymer syn 
;DNA (5'-D(P*CP*GP*TP*TP*CP*C)-3')
;
1760.179 1 ? ? ? ? 
2 polymer syn 
;DNA (5'-D(*CP*GP*AP*CP*G)-3')
;
1505.025 1 ? ? ? ? 
3 polymer syn 
;DNA (5'-D(P*GP*GP*AP*GP*C)-3')
;
1545.049 1 ? ? ? ? 
# 
loop_
_entity_poly.entity_id 
_entity_poly.type 
_entity_poly.nstd_linkage 
_entity_poly.nstd_monomer 
_entity_poly.pdbx_seq_one_letter_code 
_entity_poly.pdbx_seq_one_letter_code_can 
_entity_poly.pdbx_strand_id 
_entity_poly.pdbx_target_identifier 
1 polydeoxyribonucleotide no no '(DC)(DG)(DT)(DT)(DC)(DC)' CGTTCC C ? 
2 polydeoxyribonucleotide no no '(DC)(DG)(DA)(DC)(DG)'     CGACG  A ? 
3 polydeoxyribonucleotide no no '(DG)(DG)(DA)(DG)(DC)'     GGAGC  B ? 
# 
loop_
_entity_poly_seq.entity_id 
_entity_poly_seq.num 
_entity_poly_seq.mon_id 
_entity_poly_seq.hetero 
1 1 DC n 
1 2 DG n 
1 3 DT n 
1 4 DT n 
1 5 DC n 
1 6 DC n 
2 1 DC n 
2 2 DG n 
2 3 DA n 
2 4 DC n 
2 5 DG n 
3 1 DG n 
3 2 DG n 
3 3 DA n 
3 4 DG n 
3 5 DC n 
# 
loop_
_pdbx_entity_src_syn.entity_id 
_pdbx_entity_src_syn.pdbx_src_id 
_pdbx_entity_src_syn.pdbx_alt_source_flag 
_pdbx_entity_src_syn.pdbx_beg_seq_num 
_pdbx_entity_src_syn.pdbx_end_seq_num 
_pdbx_entity_src_syn.organism_scientific 
_pdbx_entity_src_syn.organism_common_name 
_pdbx_entity_src_syn.ncbi_taxonomy_id 
_pdbx_entity_src_syn.details 
1 1 sample 1 6 'synthetic construct' ? 32630 ? 
2 1 sample 1 5 'synthetic construct' ? 32630 ? 
3 1 sample 1 5 'synthetic construct' ? 32630 ? 
# 
loop_
_chem_comp.id 
_chem_comp.type 
_chem_comp.mon_nstd_flag 
_chem_comp.name 
_chem_comp.pdbx_synonyms 
_chem_comp.formula 
_chem_comp.formula_weight 
DA 'DNA linking' y "2'-DEOXYADENOSINE-5'-MONOPHOSPHATE" ? 'C10 H14 N5 O6 P' 331.222 
DC 'DNA linking' y "2'-DEOXYCYTIDINE-5'-MONOPHOSPHATE"  ? 'C9 H14 N3 O7 P'  307.197 
DG 'DNA linking' y "2'-DEOXYGUANOSINE-5'-MONOPHOSPHATE" ? 'C10 H14 N5 O7 P' 347.221 
DT 'DNA linking' y "THYMIDINE-5'-MONOPHOSPHATE"         ? 'C10 H15 N2 O8 P' 322.208 
# 
loop_
_pdbx_poly_seq_scheme.asym_id 
_pdbx_poly_seq_scheme.entity_id 
_pdbx_poly_seq_scheme.seq_id 
_pdbx_poly_seq_scheme.mon_id 
_pdbx_poly_seq_scheme.ndb_seq_num 
_pdbx_poly_seq_scheme.pdb_seq_num 
_pdbx_poly_seq_scheme.auth_seq_num 
_pdbx_poly_seq_scheme.pdb_mon_id 
_pdbx_poly_seq_scheme.auth_mon_id 
_pdbx_poly_seq_scheme.pdb_strand_id 
_pdbx_poly_seq_scheme.pdb_ins_code 
_pdbx_poly_seq_scheme.hetero 
A 1 1 DC 1 1 1 DC DC C . n 
A 1 2 DG 2 2 2 DG DG C . n 
A 1 3 DT 3 3 3 DT DT C . n 
A 1 4 DT 4 4 4 DT DT C . n 
A 1 5 DC 5 5 5 DC DC C . n 
A 1 6 DC 6 6 6 DC DC C . n 
B 2 1 DC 1 1 1 DC DC A . n 
B 2 2 DG 2 2 2 DG DG A . n 
B 2 3 DA 3 3 3 DA DA A . n 
B 2 4 DC 4 4 4 DC DC A . n 
B 2 5 DG 5 5 5 DG DG A . n 
C 3 1 DG 1 1 1 DG DG B . n 
C 3 2 DG 2 2 2 DG DG B . n 
C 3 3 DA 3 3 3 DA DA B . n 
C 3 4 DG 4 4 4 DG DG B . n 
C 3 5 DC 5 5 5 DC DC B . n 
# 
loop_
_software.citation_id 
_software.classification 
_software.compiler_name 
_software.compiler_version 
_software.contact_author 
_software.contact_author_email 
_software.date 
_software.description 
_software.dependencies 
_software.hardware 
_software.language 
_software.location 
_software.mods 
_software.name 
_software.os 
_software.os_version 
_software.type 
_software.version 
_software.pdbx_ordinal 
? refinement       ? ? ? ? ? ? ? ? ? ? ? PHENIX    ? ? ? 1.20.1_4487 1 
? 'data reduction' ? ? ? ? ? ? ? ? ? ? ? autoPROC  ? ? ? .           2 
? 'data scaling'   ? ? ? ? ? ? ? ? ? ? ? STARANISO ? ? ? .           3 
? phasing          ? ? ? ? ? ? ? ? ? ? ? PHASER    ? ? ? .           4 
# 
_cell.angle_alpha                  90.000 
_cell.angle_alpha_esd              ? 
_cell.angle_beta                   90.000 
_cell.angle_beta_esd               ? 
_cell.angle_gamma                  90.000 
_cell.angle_gamma_esd              ? 
_cell.entry_id                     8EPD 
_cell.details                      ? 
_cell.formula_units_Z              ? 
_cell.length_a                     34.166 
_cell.length_a_esd                 ? 
_cell.length_b                     34.166 
_cell.length_b_esd                 ? 
_cell.length_c                     104.316 
_cell.length_c_esd                 ? 
_cell.volume                       121769.690 
_cell.volume_esd                   ? 
_cell.Z_PDB                        8 
_cell.reciprocal_angle_alpha       ? 
_cell.reciprocal_angle_beta        ? 
_cell.reciprocal_angle_gamma       ? 
_cell.reciprocal_angle_alpha_esd   ? 
_cell.reciprocal_angle_beta_esd    ? 
_cell.reciprocal_angle_gamma_esd   ? 
_cell.reciprocal_length_a          ? 
_cell.reciprocal_length_b          ? 
_cell.reciprocal_length_c          ? 
_cell.reciprocal_length_a_esd      ? 
_cell.reciprocal_length_b_esd      ? 
_cell.reciprocal_length_c_esd      ? 
_cell.pdbx_unique_axis             ? 
_cell.pdbx_esd_method              ? 
# 
_symmetry.entry_id                         8EPD 
_symmetry.cell_setting                     ? 
_symmetry.Int_Tables_number                95 
_symmetry.space_group_name_Hall            'P 4cw 2c' 
_symmetry.space_group_name_H-M             'P 43 2 2' 
_symmetry.pdbx_full_space_group_name_H-M   ? 
# 
_exptl.absorpt_coefficient_mu     ? 
_exptl.absorpt_correction_T_max   ? 
_exptl.absorpt_correction_T_min   ? 
_exptl.absorpt_correction_type    ? 
_exptl.absorpt_process_details    ? 
_exptl.entry_id                   8EPD 
_exptl.crystals_number            1 
_exptl.details                    ? 
_exptl.method                     'X-RAY DIFFRACTION' 
_exptl.method_details             ? 
# 
_exptl_crystal.colour                       ? 
_exptl_crystal.density_diffrn               ? 
_exptl_crystal.density_Matthews             3.16 
_exptl_crystal.density_method               ? 
_exptl_crystal.density_percent_sol          61.13 
_exptl_crystal.description                  ? 
_exptl_crystal.F_000                        ? 
_exptl_crystal.id                           1 
_exptl_crystal.preparation                  ? 
_exptl_crystal.size_max                     ? 
_exptl_crystal.size_mid                     ? 
_exptl_crystal.size_min                     ? 
_exptl_crystal.size_rad                     ? 
_exptl_crystal.colour_lustre                ? 
_exptl_crystal.colour_modifier              ? 
_exptl_crystal.colour_primary               ? 
_exptl_crystal.density_meas                 ? 
_exptl_crystal.density_meas_esd             ? 
_exptl_crystal.density_meas_gt              ? 
_exptl_crystal.density_meas_lt              ? 
_exptl_crystal.density_meas_temp            ? 
_exptl_crystal.density_meas_temp_esd        ? 
_exptl_crystal.density_meas_temp_gt         ? 
_exptl_crystal.density_meas_temp_lt         ? 
_exptl_crystal.pdbx_crystal_image_url       ? 
_exptl_crystal.pdbx_crystal_image_format    ? 
_exptl_crystal.pdbx_mosaicity               ? 
_exptl_crystal.pdbx_mosaicity_esd           ? 
_exptl_crystal.pdbx_mosaic_method           ? 
_exptl_crystal.pdbx_mosaic_block_size       ? 
_exptl_crystal.pdbx_mosaic_block_size_esd   ? 
# 
_exptl_crystal_grow.apparatus       ? 
_exptl_crystal_grow.atmosphere      ? 
_exptl_crystal_grow.crystal_id      1 
_exptl_crystal_grow.details         ? 
_exptl_crystal_grow.method          'VAPOR DIFFUSION, HANGING DROP' 
_exptl_crystal_grow.method_ref      ? 
_exptl_crystal_grow.pH              ? 
_exptl_crystal_grow.pressure        ? 
_exptl_crystal_grow.pressure_esd    ? 
_exptl_crystal_grow.seeding         ? 
_exptl_crystal_grow.seeding_ref     ? 
_exptl_crystal_grow.temp            295 
_exptl_crystal_grow.temp_details    ? 
_exptl_crystal_grow.temp_esd        ? 
_exptl_crystal_grow.time            ? 
_exptl_crystal_grow.pdbx_details    
;0.5 ug/uL motif
0.005 M magnesium sulfate hydrate, 0.005 M HEPES sodium pH 7.0, 0.16 M lithium sulfate monohydrate, 4 % MPD at pH 7.0
;
_exptl_crystal_grow.pdbx_pH_range   ? 
# 
_diffrn.ambient_environment              ? 
_diffrn.ambient_temp                     100 
_diffrn.ambient_temp_details             ? 
_diffrn.ambient_temp_esd                 ? 
_diffrn.crystal_id                       1 
_diffrn.crystal_support                  ? 
_diffrn.crystal_treatment                ? 
_diffrn.details                          ? 
_diffrn.id                               1 
_diffrn.ambient_pressure                 ? 
_diffrn.ambient_pressure_esd             ? 
_diffrn.ambient_pressure_gt              ? 
_diffrn.ambient_pressure_lt              ? 
_diffrn.ambient_temp_gt                  ? 
_diffrn.ambient_temp_lt                  ? 
_diffrn.pdbx_serial_crystal_experiment   N 
# 
_diffrn_detector.details                      ? 
_diffrn_detector.detector                     'IMAGE PLATE' 
_diffrn_detector.diffrn_id                    1 
_diffrn_detector.type                         'RIGAKU RAXIS IV++' 
_diffrn_detector.area_resol_mean              ? 
_diffrn_detector.dtime                        ? 
_diffrn_detector.pdbx_frames_total            ? 
_diffrn_detector.pdbx_collection_time_total   ? 
_diffrn_detector.pdbx_collection_date         2022-03-02 
_diffrn_detector.pdbx_frequency               ? 
# 
_diffrn_radiation.collimation                      ? 
_diffrn_radiation.diffrn_id                        1 
_diffrn_radiation.filter_edge                      ? 
_diffrn_radiation.inhomogeneity                    ? 
_diffrn_radiation.monochromator                    ? 
_diffrn_radiation.polarisn_norm                    ? 
_diffrn_radiation.polarisn_ratio                   ? 
_diffrn_radiation.probe                            ? 
_diffrn_radiation.type                             ? 
_diffrn_radiation.xray_symbol                      ? 
_diffrn_radiation.wavelength_id                    1 
_diffrn_radiation.pdbx_monochromatic_or_laue_m_l   M 
_diffrn_radiation.pdbx_wavelength_list             ? 
_diffrn_radiation.pdbx_wavelength                  ? 
_diffrn_radiation.pdbx_diffrn_protocol             'SINGLE WAVELENGTH' 
_diffrn_radiation.pdbx_analyzer                    ? 
_diffrn_radiation.pdbx_scattering_type             x-ray 
# 
_diffrn_radiation_wavelength.id           1 
_diffrn_radiation_wavelength.wavelength   1.54 
_diffrn_radiation_wavelength.wt           1.0 
# 
_diffrn_source.current                     ? 
_diffrn_source.details                     ? 
_diffrn_source.diffrn_id                   1 
_diffrn_source.power                       ? 
_diffrn_source.size                        ? 
_diffrn_source.source                      'ROTATING ANODE' 
_diffrn_source.target                      ? 
_diffrn_source.type                        'RIGAKU RUH2R' 
_diffrn_source.voltage                     ? 
_diffrn_source.take-off_angle              ? 
_diffrn_source.pdbx_wavelength_list        1.54 
_diffrn_source.pdbx_wavelength             ? 
_diffrn_source.pdbx_synchrotron_beamline   ? 
_diffrn_source.pdbx_synchrotron_site       ? 
# 
_reflns.B_iso_Wilson_estimate                          ? 
_reflns.entry_id                                       8EPD 
_reflns.data_reduction_details                         ? 
_reflns.data_reduction_method                          ? 
_reflns.d_resolution_high                              2.42 
_reflns.d_resolution_low                               17.81 
_reflns.details                                        ? 
_reflns.limit_h_max                                    ? 
_reflns.limit_h_min                                    ? 
_reflns.limit_k_max                                    ? 
_reflns.limit_k_min                                    ? 
_reflns.limit_l_max                                    ? 
_reflns.limit_l_min                                    ? 
_reflns.number_all                                     ? 
_reflns.number_obs                                     1864 
_reflns.observed_criterion                             ? 
_reflns.observed_criterion_F_max                       ? 
_reflns.observed_criterion_F_min                       ? 
_reflns.observed_criterion_I_max                       ? 
_reflns.observed_criterion_I_min                       ? 
_reflns.observed_criterion_sigma_F                     ? 
_reflns.observed_criterion_sigma_I                     ? 
_reflns.percent_possible_obs                           87.5 
_reflns.R_free_details                                 ? 
_reflns.Rmerge_F_all                                   ? 
_reflns.Rmerge_F_obs                                   ? 
_reflns.Friedel_coverage                               ? 
_reflns.number_gt                                      ? 
_reflns.threshold_expression                           ? 
_reflns.pdbx_redundancy                                11.4 
_reflns.pdbx_Rmerge_I_obs                              ? 
_reflns.pdbx_Rmerge_I_all                              ? 
_reflns.pdbx_Rsym_value                                ? 
_reflns.pdbx_netI_over_av_sigmaI                       ? 
_reflns.pdbx_netI_over_sigmaI                          19.4 
_reflns.pdbx_res_netI_over_av_sigmaI_2                 ? 
_reflns.pdbx_res_netI_over_sigmaI_2                    ? 
_reflns.pdbx_chi_squared                               ? 
_reflns.pdbx_scaling_rejects                           ? 
_reflns.pdbx_d_res_high_opt                            ? 
_reflns.pdbx_d_res_low_opt                             ? 
_reflns.pdbx_d_res_opt_method                          ? 
_reflns.phase_calculation_details                      ? 
_reflns.pdbx_Rrim_I_all                                ? 
_reflns.pdbx_Rpim_I_all                                ? 
_reflns.pdbx_d_opt                                     ? 
_reflns.pdbx_number_measured_all                       ? 
_reflns.pdbx_diffrn_id                                 1 
_reflns.pdbx_ordinal                                   1 
_reflns.pdbx_CC_half                                   1.00 
_reflns.pdbx_CC_star                                   ? 
_reflns.pdbx_R_split                                   ? 
_reflns.pdbx_aniso_diffraction_limit_axis_1_ortho[1]   ? 
_reflns.pdbx_aniso_diffraction_limit_axis_1_ortho[2]   ? 
_reflns.pdbx_aniso_diffraction_limit_axis_1_ortho[3]   ? 
_reflns.pdbx_aniso_diffraction_limit_axis_2_ortho[1]   ? 
_reflns.pdbx_aniso_diffraction_limit_axis_2_ortho[2]   ? 
_reflns.pdbx_aniso_diffraction_limit_axis_2_ortho[3]   ? 
_reflns.pdbx_aniso_diffraction_limit_axis_3_ortho[1]   ? 
_reflns.pdbx_aniso_diffraction_limit_axis_3_ortho[2]   ? 
_reflns.pdbx_aniso_diffraction_limit_axis_3_ortho[3]   ? 
_reflns.pdbx_aniso_diffraction_limit_1                 ? 
_reflns.pdbx_aniso_diffraction_limit_2                 ? 
_reflns.pdbx_aniso_diffraction_limit_3                 ? 
_reflns.pdbx_aniso_B_tensor_eigenvector_1_ortho[1]     ? 
_reflns.pdbx_aniso_B_tensor_eigenvector_1_ortho[2]     ? 
_reflns.pdbx_aniso_B_tensor_eigenvector_1_ortho[3]     ? 
_reflns.pdbx_aniso_B_tensor_eigenvector_2_ortho[1]     ? 
_reflns.pdbx_aniso_B_tensor_eigenvector_2_ortho[2]     ? 
_reflns.pdbx_aniso_B_tensor_eigenvector_2_ortho[3]     ? 
_reflns.pdbx_aniso_B_tensor_eigenvector_3_ortho[1]     ? 
_reflns.pdbx_aniso_B_tensor_eigenvector_3_ortho[2]     ? 
_reflns.pdbx_aniso_B_tensor_eigenvector_3_ortho[3]     ? 
_reflns.pdbx_aniso_B_tensor_eigenvalue_1               ? 
_reflns.pdbx_aniso_B_tensor_eigenvalue_2               ? 
_reflns.pdbx_aniso_B_tensor_eigenvalue_3               ? 
_reflns.pdbx_orthogonalization_convention              ? 
_reflns.pdbx_percent_possible_ellipsoidal              ? 
_reflns.pdbx_percent_possible_spherical                ? 
_reflns.pdbx_percent_possible_ellipsoidal_anomalous    ? 
_reflns.pdbx_percent_possible_spherical_anomalous      ? 
_reflns.pdbx_redundancy_anomalous                      ? 
_reflns.pdbx_CC_half_anomalous                         ? 
_reflns.pdbx_absDiff_over_sigma_anomalous              ? 
_reflns.pdbx_percent_possible_anomalous                ? 
_reflns.pdbx_observed_signal_threshold                 ? 
_reflns.pdbx_signal_type                               ? 
_reflns.pdbx_signal_details                            ? 
_reflns.pdbx_signal_software_id                        ? 
_reflns.pdbx_CC_split_method                           ? 
# 
_reflns_shell.d_res_high                                    2.421 
_reflns_shell.d_res_low                                     2.924 
_reflns_shell.meanI_over_sigI_all                           ? 
_reflns_shell.meanI_over_sigI_obs                           ? 
_reflns_shell.number_measured_all                           ? 
_reflns_shell.number_measured_obs                           ? 
_reflns_shell.number_possible                               ? 
_reflns_shell.number_unique_all                             ? 
_reflns_shell.number_unique_obs                             189 
_reflns_shell.percent_possible_all                          ? 
_reflns_shell.percent_possible_obs                          ? 
_reflns_shell.Rmerge_F_all                                  ? 
_reflns_shell.Rmerge_F_obs                                  ? 
_reflns_shell.Rmerge_I_all                                  ? 
_reflns_shell.Rmerge_I_obs                                  ? 
_reflns_shell.meanI_over_sigI_gt                            ? 
_reflns_shell.meanI_over_uI_all                             ? 
_reflns_shell.meanI_over_uI_gt                              ? 
_reflns_shell.number_measured_gt                            ? 
_reflns_shell.number_unique_gt                              ? 
_reflns_shell.percent_possible_gt                           ? 
_reflns_shell.Rmerge_F_gt                                   ? 
_reflns_shell.Rmerge_I_gt                                   ? 
_reflns_shell.pdbx_redundancy                               8.1 
_reflns_shell.pdbx_Rsym_value                               ? 
_reflns_shell.pdbx_chi_squared                              ? 
_reflns_shell.pdbx_netI_over_sigmaI_all                     ? 
_reflns_shell.pdbx_netI_over_sigmaI_obs                     ? 
_reflns_shell.pdbx_Rrim_I_all                               ? 
_reflns_shell.pdbx_Rpim_I_all                               ? 
_reflns_shell.pdbx_rejects                                  ? 
_reflns_shell.pdbx_ordinal                                  1 
_reflns_shell.pdbx_diffrn_id                                1 
_reflns_shell.pdbx_CC_half                                  0.67 
_reflns_shell.pdbx_CC_star                                  ? 
_reflns_shell.pdbx_R_split                                  ? 
_reflns_shell.pdbx_percent_possible_ellipsoidal             ? 
_reflns_shell.pdbx_percent_possible_spherical               ? 
_reflns_shell.pdbx_percent_possible_ellipsoidal_anomalous   ? 
_reflns_shell.pdbx_percent_possible_spherical_anomalous     ? 
_reflns_shell.pdbx_redundancy_anomalous                     ? 
_reflns_shell.pdbx_CC_half_anomalous                        ? 
_reflns_shell.pdbx_absDiff_over_sigma_anomalous             ? 
_reflns_shell.pdbx_percent_possible_anomalous               ? 
# 
_refine.aniso_B[1][1]                            ? 
_refine.aniso_B[1][2]                            ? 
_refine.aniso_B[1][3]                            ? 
_refine.aniso_B[2][2]                            ? 
_refine.aniso_B[2][3]                            ? 
_refine.aniso_B[3][3]                            ? 
_refine.B_iso_max                                ? 
_refine.B_iso_mean                               51.11 
_refine.B_iso_min                                ? 
_refine.correlation_coeff_Fo_to_Fc               ? 
_refine.correlation_coeff_Fo_to_Fc_free          ? 
_refine.details                                  ? 
_refine.diff_density_max                         ? 
_refine.diff_density_max_esd                     ? 
_refine.diff_density_min                         ? 
_refine.diff_density_min_esd                     ? 
_refine.diff_density_rms                         ? 
_refine.diff_density_rms_esd                     ? 
_refine.entry_id                                 8EPD 
_refine.pdbx_refine_id                           'X-RAY DIFFRACTION' 
_refine.ls_abs_structure_details                 ? 
_refine.ls_abs_structure_Flack                   ? 
_refine.ls_abs_structure_Flack_esd               ? 
_refine.ls_abs_structure_Rogers                  ? 
_refine.ls_abs_structure_Rogers_esd              ? 
_refine.ls_d_res_high                            2.42 
_refine.ls_d_res_low                             17.81 
_refine.ls_extinction_coef                       ? 
_refine.ls_extinction_coef_esd                   ? 
_refine.ls_extinction_expression                 ? 
_refine.ls_extinction_method                     ? 
_refine.ls_goodness_of_fit_all                   ? 
_refine.ls_goodness_of_fit_all_esd               ? 
_refine.ls_goodness_of_fit_obs                   ? 
_refine.ls_goodness_of_fit_obs_esd               ? 
_refine.ls_hydrogen_treatment                    ? 
_refine.ls_matrix_type                           ? 
_refine.ls_number_constraints                    ? 
_refine.ls_number_parameters                     ? 
_refine.ls_number_reflns_all                     ? 
_refine.ls_number_reflns_obs                     1864 
_refine.ls_number_reflns_R_free                  80 
_refine.ls_number_reflns_R_work                  1784 
_refine.ls_number_restraints                     ? 
_refine.ls_percent_reflns_obs                    41.50 
_refine.ls_percent_reflns_R_free                 4.29 
_refine.ls_R_factor_all                          ? 
_refine.ls_R_factor_obs                          0.2488 
_refine.ls_R_factor_R_free                       0.2981 
_refine.ls_R_factor_R_free_error                 ? 
_refine.ls_R_factor_R_free_error_details         ? 
_refine.ls_R_factor_R_work                       0.2460 
_refine.ls_R_Fsqd_factor_obs                     ? 
_refine.ls_R_I_factor_obs                        ? 
_refine.ls_redundancy_reflns_all                 ? 
_refine.ls_redundancy_reflns_obs                 ? 
_refine.ls_restrained_S_all                      ? 
_refine.ls_restrained_S_obs                      ? 
_refine.ls_shift_over_esd_max                    ? 
_refine.ls_shift_over_esd_mean                   ? 
_refine.ls_structure_factor_coef                 ? 
_refine.ls_weighting_details                     ? 
_refine.ls_weighting_scheme                      ? 
_refine.ls_wR_factor_all                         ? 
_refine.ls_wR_factor_obs                         ? 
_refine.ls_wR_factor_R_free                      ? 
_refine.ls_wR_factor_R_work                      ? 
_refine.occupancy_max                            ? 
_refine.occupancy_min                            ? 
_refine.solvent_model_details                    'FLAT BULK SOLVENT MODEL' 
_refine.solvent_model_param_bsol                 ? 
_refine.solvent_model_param_ksol                 ? 
_refine.pdbx_R_complete                          ? 
_refine.ls_R_factor_gt                           ? 
_refine.ls_goodness_of_fit_gt                    ? 
_refine.ls_goodness_of_fit_ref                   ? 
_refine.ls_shift_over_su_max                     ? 
_refine.ls_shift_over_su_max_lt                  ? 
_refine.ls_shift_over_su_mean                    ? 
_refine.ls_shift_over_su_mean_lt                 ? 
_refine.pdbx_ls_sigma_I                          ? 
_refine.pdbx_ls_sigma_F                          1.33 
_refine.pdbx_ls_sigma_Fsqd                       ? 
_refine.pdbx_data_cutoff_high_absF               ? 
_refine.pdbx_data_cutoff_high_rms_absF           ? 
_refine.pdbx_data_cutoff_low_absF                ? 
_refine.pdbx_isotropic_thermal_model             ? 
_refine.pdbx_ls_cross_valid_method               'FREE R-VALUE' 
_refine.pdbx_method_to_determine_struct          'MOLECULAR REPLACEMENT' 
_refine.pdbx_starting_model                      'ideal B type DNA duplexes generated in Cadnano' 
_refine.pdbx_stereochemistry_target_values       'GeoStd + Monomer Library + CDL v1.2' 
_refine.pdbx_R_Free_selection_details            ? 
_refine.pdbx_stereochem_target_val_spec_case     ? 
_refine.pdbx_overall_ESU_R                       ? 
_refine.pdbx_overall_ESU_R_Free                  ? 
_refine.pdbx_solvent_vdw_probe_radii             1.1000 
_refine.pdbx_solvent_ion_probe_radii             ? 
_refine.pdbx_solvent_shrinkage_radii             0.9000 
_refine.pdbx_real_space_R                        ? 
_refine.pdbx_density_correlation                 ? 
_refine.pdbx_pd_number_of_powder_patterns        ? 
_refine.pdbx_pd_number_of_points                 ? 
_refine.pdbx_pd_meas_number_of_points            ? 
_refine.pdbx_pd_proc_ls_prof_R_factor            ? 
_refine.pdbx_pd_proc_ls_prof_wR_factor           ? 
_refine.pdbx_pd_Marquardt_correlation_coeff      ? 
_refine.pdbx_pd_Fsqrd_R_factor                   ? 
_refine.pdbx_pd_ls_matrix_band_width             ? 
_refine.pdbx_overall_phase_error                 23.8059 
_refine.pdbx_overall_SU_R_free_Cruickshank_DPI   ? 
_refine.pdbx_overall_SU_R_free_Blow_DPI          ? 
_refine.pdbx_overall_SU_R_Blow_DPI               ? 
_refine.pdbx_TLS_residual_ADP_flag               ? 
_refine.pdbx_diffrn_id                           1 
_refine.overall_SU_B                             ? 
_refine.overall_SU_ML                            0.2377 
_refine.overall_SU_R_Cruickshank_DPI             ? 
_refine.overall_SU_R_free                        ? 
_refine.overall_FOM_free_R_set                   ? 
_refine.overall_FOM_work_R_set                   ? 
_refine.pdbx_average_fsc_overall                 ? 
_refine.pdbx_average_fsc_work                    ? 
_refine.pdbx_average_fsc_free                    ? 
# 
_refine_hist.pdbx_refine_id                   'X-RAY DIFFRACTION' 
_refine_hist.cycle_id                         LAST 
_refine_hist.details                          ? 
_refine_hist.d_res_high                       2.42 
_refine_hist.d_res_low                        17.81 
_refine_hist.number_atoms_solvent             0 
_refine_hist.number_atoms_total               325 
_refine_hist.number_reflns_all                ? 
_refine_hist.number_reflns_obs                ? 
_refine_hist.number_reflns_R_free             ? 
_refine_hist.number_reflns_R_work             ? 
_refine_hist.R_factor_all                     ? 
_refine_hist.R_factor_obs                     ? 
_refine_hist.R_factor_R_free                  ? 
_refine_hist.R_factor_R_work                  ? 
_refine_hist.pdbx_number_residues_total       ? 
_refine_hist.pdbx_B_iso_mean_ligand           ? 
_refine_hist.pdbx_B_iso_mean_solvent          ? 
_refine_hist.pdbx_number_atoms_protein        0 
_refine_hist.pdbx_number_atoms_nucleic_acid   325 
_refine_hist.pdbx_number_atoms_ligand         0 
_refine_hist.pdbx_number_atoms_lipid          ? 
_refine_hist.pdbx_number_atoms_carb           ? 
_refine_hist.pdbx_pseudo_atom_details         ? 
# 
loop_
_refine_ls_restr.pdbx_refine_id 
_refine_ls_restr.criterion 
_refine_ls_restr.dev_ideal 
_refine_ls_restr.dev_ideal_target 
_refine_ls_restr.number 
_refine_ls_restr.rejects 
_refine_ls_restr.type 
_refine_ls_restr.weight 
_refine_ls_restr.pdbx_restraint_function 
'X-RAY DIFFRACTION' ? 0.0112  ? 362 ? f_bond_d           ? ? 
'X-RAY DIFFRACTION' ? 1.3363  ? 552 ? f_angle_d          ? ? 
'X-RAY DIFFRACTION' ? 0.0681  ? 63  ? f_chiral_restr     ? ? 
'X-RAY DIFFRACTION' ? 0.0075  ? 16  ? f_plane_restr      ? ? 
'X-RAY DIFFRACTION' ? 39.3191 ? 150 ? f_dihedral_angle_d ? ? 
# 
_refine_ls_shell.pdbx_refine_id                   'X-RAY DIFFRACTION' 
_refine_ls_shell.d_res_high                       2.42 
_refine_ls_shell.d_res_low                        17.81 
_refine_ls_shell.number_reflns_all                ? 
_refine_ls_shell.number_reflns_obs                ? 
_refine_ls_shell.number_reflns_R_free             80 
_refine_ls_shell.number_reflns_R_work             1784 
_refine_ls_shell.percent_reflns_obs               41.50 
_refine_ls_shell.percent_reflns_R_free            ? 
_refine_ls_shell.R_factor_all                     ? 
_refine_ls_shell.R_factor_obs                     ? 
_refine_ls_shell.R_factor_R_free                  0.2981 
_refine_ls_shell.R_factor_R_free_error            ? 
_refine_ls_shell.R_factor_R_work                  0.2460 
_refine_ls_shell.redundancy_reflns_all            ? 
_refine_ls_shell.redundancy_reflns_obs            ? 
_refine_ls_shell.wR_factor_all                    ? 
_refine_ls_shell.wR_factor_obs                    ? 
_refine_ls_shell.wR_factor_R_free                 ? 
_refine_ls_shell.wR_factor_R_work                 ? 
_refine_ls_shell.pdbx_R_complete                  ? 
_refine_ls_shell.pdbx_total_number_of_bins_used   ? 
_refine_ls_shell.pdbx_phase_error                 ? 
_refine_ls_shell.pdbx_fsc_work                    ? 
_refine_ls_shell.pdbx_fsc_free                    ? 
# 
_struct.entry_id                     8EPD 
_struct.title                        'Engineering Crystals with Tunable Symmetries from 14- or 16-Base-Long DNA Strands' 
_struct.pdbx_model_details           ? 
_struct.pdbx_formula_weight          ? 
_struct.pdbx_formula_weight_method   ? 
_struct.pdbx_model_type_details      ? 
_struct.pdbx_CASP_flag               N 
# 
_struct_keywords.entry_id        8EPD 
_struct_keywords.text            'DNA, Four-Fold Rotational Axis, Left-Handed, Parallel' 
_struct_keywords.pdbx_keywords   DNA 
# 
loop_
_struct_asym.id 
_struct_asym.pdbx_blank_PDB_chainid_flag 
_struct_asym.pdbx_modified 
_struct_asym.entity_id 
_struct_asym.details 
A N N 1 ? 
B N N 2 ? 
C N N 3 ? 
# 
loop_
_struct_ref.id 
_struct_ref.db_name 
_struct_ref.db_code 
_struct_ref.pdbx_db_accession 
_struct_ref.pdbx_db_isoform 
_struct_ref.entity_id 
_struct_ref.pdbx_seq_one_letter_code 
_struct_ref.pdbx_align_begin 
1 PDB 8EPD 8EPD ? 1 ? 1 
2 PDB 8EPD 8EPD ? 2 ? 1 
3 PDB 8EPD 8EPD ? 3 ? 1 
# 
loop_
_struct_ref_seq.align_id 
_struct_ref_seq.ref_id 
_struct_ref_seq.pdbx_PDB_id_code 
_struct_ref_seq.pdbx_strand_id 
_struct_ref_seq.seq_align_beg 
_struct_ref_seq.pdbx_seq_align_beg_ins_code 
_struct_ref_seq.seq_align_end 
_struct_ref_seq.pdbx_seq_align_end_ins_code 
_struct_ref_seq.pdbx_db_accession 
_struct_ref_seq.db_align_beg 
_struct_ref_seq.pdbx_db_align_beg_ins_code 
_struct_ref_seq.db_align_end 
_struct_ref_seq.pdbx_db_align_end_ins_code 
_struct_ref_seq.pdbx_auth_seq_align_beg 
_struct_ref_seq.pdbx_auth_seq_align_end 
1 1 8EPD C 1 ? 6 ? 8EPD 1 ? 6 ? 1 6 
2 2 8EPD A 1 ? 5 ? 8EPD 1 ? 5 ? 1 5 
3 3 8EPD B 1 ? 5 ? 8EPD 1 ? 5 ? 1 5 
# 
_pdbx_struct_assembly.id                   1 
_pdbx_struct_assembly.details              author_and_software_defined_assembly 
_pdbx_struct_assembly.method_details       PISA 
_pdbx_struct_assembly.oligomeric_details   trimeric 
_pdbx_struct_assembly.oligomeric_count     3 
# 
loop_
_pdbx_struct_assembly_prop.biol_id 
_pdbx_struct_assembly_prop.type 
_pdbx_struct_assembly_prop.value 
_pdbx_struct_assembly_prop.details 
1 'ABSA (A^2)' 580  ? 
1 MORE         -4   ? 
1 'SSA (A^2)'  3530 ? 
# 
_pdbx_struct_assembly_gen.assembly_id       1 
_pdbx_struct_assembly_gen.oper_expression   1 
_pdbx_struct_assembly_gen.asym_id_list      A,B,C 
# 
_pdbx_struct_oper_list.id                   1 
_pdbx_struct_oper_list.type                 'identity operation' 
_pdbx_struct_oper_list.name                 1_555 
_pdbx_struct_oper_list.symmetry_operation   x,y,z 
_pdbx_struct_oper_list.matrix[1][1]         1.0000000000 
_pdbx_struct_oper_list.matrix[1][2]         0.0000000000 
_pdbx_struct_oper_list.matrix[1][3]         0.0000000000 
_pdbx_struct_oper_list.vector[1]            0.0000000000 
_pdbx_struct_oper_list.matrix[2][1]         0.0000000000 
_pdbx_struct_oper_list.matrix[2][2]         1.0000000000 
_pdbx_struct_oper_list.matrix[2][3]         0.0000000000 
_pdbx_struct_oper_list.vector[2]            0.0000000000 
_pdbx_struct_oper_list.matrix[3][1]         0.0000000000 
_pdbx_struct_oper_list.matrix[3][2]         0.0000000000 
_pdbx_struct_oper_list.matrix[3][3]         1.0000000000 
_pdbx_struct_oper_list.vector[3]            0.0000000000 
# 
loop_
_struct_conn.id 
_struct_conn.conn_type_id 
_struct_conn.pdbx_leaving_atom_flag 
_struct_conn.pdbx_PDB_id 
_struct_conn.ptnr1_label_asym_id 
_struct_conn.ptnr1_label_comp_id 
_struct_conn.ptnr1_label_seq_id 
_struct_conn.ptnr1_label_atom_id 
_struct_conn.pdbx_ptnr1_label_alt_id 
_struct_conn.pdbx_ptnr1_PDB_ins_code 
_struct_conn.pdbx_ptnr1_standard_comp_id 
_struct_conn.ptnr1_symmetry 
_struct_conn.ptnr2_label_asym_id 
_struct_conn.ptnr2_label_comp_id 
_struct_conn.ptnr2_label_seq_id 
_struct_conn.ptnr2_label_atom_id 
_struct_conn.pdbx_ptnr2_label_alt_id 
_struct_conn.pdbx_ptnr2_PDB_ins_code 
_struct_conn.ptnr1_auth_asym_id 
_struct_conn.ptnr1_auth_comp_id 
_struct_conn.ptnr1_auth_seq_id 
_struct_conn.ptnr2_auth_asym_id 
_struct_conn.ptnr2_auth_comp_id 
_struct_conn.ptnr2_auth_seq_id 
_struct_conn.ptnr2_symmetry 
_struct_conn.pdbx_ptnr3_label_atom_id 
_struct_conn.pdbx_ptnr3_label_seq_id 
_struct_conn.pdbx_ptnr3_label_comp_id 
_struct_conn.pdbx_ptnr3_label_asym_id 
_struct_conn.pdbx_ptnr3_label_alt_id 
_struct_conn.pdbx_ptnr3_PDB_ins_code 
_struct_conn.details 
_struct_conn.pdbx_dist_value 
_struct_conn.pdbx_value_order 
_struct_conn.pdbx_role 
hydrog1  hydrog ? ? A DC 1 O2 ? ? ? 1_555 B DG 5 N2 ? ? C DC 1 A DG 5 1_555 ? ? ? ? ? ? 'DC-DG PAIR' ? ? ? 
hydrog2  hydrog ? ? A DG 2 N1 ? ? ? 1_555 B DC 4 N3 ? ? C DG 2 A DC 4 1_555 ? ? ? ? ? ? WATSON-CRICK ? ? ? 
hydrog3  hydrog ? ? A DG 2 N2 ? ? ? 1_555 B DC 4 O2 ? ? C DG 2 A DC 4 1_555 ? ? ? ? ? ? WATSON-CRICK ? ? ? 
hydrog4  hydrog ? ? A DG 2 O6 ? ? ? 1_555 B DC 4 N4 ? ? C DG 2 A DC 4 1_555 ? ? ? ? ? ? WATSON-CRICK ? ? ? 
hydrog5  hydrog ? ? A DT 3 N3 ? ? ? 1_555 B DA 3 N1 ? ? C DT 3 A DA 3 1_555 ? ? ? ? ? ? WATSON-CRICK ? ? ? 
hydrog6  hydrog ? ? A DT 3 O4 ? ? ? 1_555 B DA 3 N6 ? ? C DT 3 A DA 3 1_555 ? ? ? ? ? ? WATSON-CRICK ? ? ? 
hydrog7  hydrog ? ? A DT 4 N3 ? ? ? 1_555 C DA 3 N1 ? ? C DT 4 B DA 3 1_555 ? ? ? ? ? ? WATSON-CRICK ? ? ? 
hydrog8  hydrog ? ? A DT 4 O4 ? ? ? 1_555 C DA 3 N6 ? ? C DT 4 B DA 3 1_555 ? ? ? ? ? ? WATSON-CRICK ? ? ? 
hydrog9  hydrog ? ? A DC 5 N3 ? ? ? 1_555 C DG 2 N1 ? ? C DC 5 B DG 2 1_555 ? ? ? ? ? ? WATSON-CRICK ? ? ? 
hydrog10 hydrog ? ? A DC 5 N4 ? ? ? 1_555 C DG 2 O6 ? ? C DC 5 B DG 2 1_555 ? ? ? ? ? ? WATSON-CRICK ? ? ? 
hydrog11 hydrog ? ? A DC 5 O2 ? ? ? 1_555 C DG 2 N2 ? ? C DC 5 B DG 2 1_555 ? ? ? ? ? ? WATSON-CRICK ? ? ? 
hydrog12 hydrog ? ? A DC 6 N3 ? ? ? 1_555 C DG 1 N1 ? ? C DC 6 B DG 1 1_555 ? ? ? ? ? ? WATSON-CRICK ? ? ? 
hydrog13 hydrog ? ? A DC 6 N4 ? ? ? 1_555 C DG 1 O6 ? ? C DC 6 B DG 1 1_555 ? ? ? ? ? ? WATSON-CRICK ? ? ? 
hydrog14 hydrog ? ? A DC 6 O2 ? ? ? 1_555 C DG 1 N2 ? ? C DC 6 B DG 1 1_555 ? ? ? ? ? ? WATSON-CRICK ? ? ? 
# 
_struct_conn_type.id          hydrog 
_struct_conn_type.criteria    ? 
_struct_conn_type.reference   ? 
# 
loop_
_pdbx_validate_symm_contact.id 
_pdbx_validate_symm_contact.PDB_model_num 
_pdbx_validate_symm_contact.auth_atom_id_1 
_pdbx_validate_symm_contact.auth_asym_id_1 
_pdbx_validate_symm_contact.auth_comp_id_1 
_pdbx_validate_symm_contact.auth_seq_id_1 
_pdbx_validate_symm_contact.PDB_ins_code_1 
_pdbx_validate_symm_contact.label_alt_id_1 
_pdbx_validate_symm_contact.site_symmetry_1 
_pdbx_validate_symm_contact.auth_atom_id_2 
_pdbx_validate_symm_contact.auth_asym_id_2 
_pdbx_validate_symm_contact.auth_comp_id_2 
_pdbx_validate_symm_contact.auth_seq_id_2 
_pdbx_validate_symm_contact.PDB_ins_code_2 
_pdbx_validate_symm_contact.label_alt_id_2 
_pdbx_validate_symm_contact.site_symmetry_2 
_pdbx_validate_symm_contact.dist 
1 1 P     C DC 1 ? ? 1_555 "O3'" A DG 5 ? ? 7_555 1.59 
2 1 "O3'" C DC 6 ? ? 1_555 P     B DG 1 ? ? 7_555 1.61 
3 1 "O5'" C DC 1 ? ? 1_555 "O3'" A DG 5 ? ? 7_555 1.74 
4 1 "O3'" C DC 6 ? ? 1_555 OP2   B DG 1 ? ? 7_555 2.14 
# 
loop_
_pdbx_validate_rmsd_angle.id 
_pdbx_validate_rmsd_angle.PDB_model_num 
_pdbx_validate_rmsd_angle.auth_atom_id_1 
_pdbx_validate_rmsd_angle.auth_asym_id_1 
_pdbx_validate_rmsd_angle.auth_comp_id_1 
_pdbx_validate_rmsd_angle.auth_seq_id_1 
_pdbx_validate_rmsd_angle.PDB_ins_code_1 
_pdbx_validate_rmsd_angle.label_alt_id_1 
_pdbx_validate_rmsd_angle.auth_atom_id_2 
_pdbx_validate_rmsd_angle.auth_asym_id_2 
_pdbx_validate_rmsd_angle.auth_comp_id_2 
_pdbx_validate_rmsd_angle.auth_seq_id_2 
_pdbx_validate_rmsd_angle.PDB_ins_code_2 
_pdbx_validate_rmsd_angle.label_alt_id_2 
_pdbx_validate_rmsd_angle.auth_atom_id_3 
_pdbx_validate_rmsd_angle.auth_asym_id_3 
_pdbx_validate_rmsd_angle.auth_comp_id_3 
_pdbx_validate_rmsd_angle.auth_seq_id_3 
_pdbx_validate_rmsd_angle.PDB_ins_code_3 
_pdbx_validate_rmsd_angle.label_alt_id_3 
_pdbx_validate_rmsd_angle.angle_value 
_pdbx_validate_rmsd_angle.angle_target_value 
_pdbx_validate_rmsd_angle.angle_deviation 
_pdbx_validate_rmsd_angle.angle_standard_deviation 
_pdbx_validate_rmsd_angle.linker_flag 
1 1 "O4'" A DG 2 ? ? "C1'" A DG 2 ? ? N9 A DG 2 ? ? 110.75 108.30 2.45 0.30 N 
2 1 "O4'" B DC 5 ? ? "C1'" B DC 5 ? ? N1 B DC 5 ? ? 111.22 108.30 2.92 0.30 N 
# 
loop_
_space_group_symop.id 
_space_group_symop.operation_xyz 
1 x,y,z        
2 -y,x,z+3/4   
3 y,-x,z+1/4   
4 x,-y,-z+1/2  
5 -x,y,-z      
6 -x,-y,z+1/2  
7 y,x,-z+1/4   
8 -y,-x,-z+3/4 
# 
_pdbx_refine_tls.id               1 
_pdbx_refine_tls.pdbx_refine_id   'X-RAY DIFFRACTION' 
_pdbx_refine_tls.details          ? 
_pdbx_refine_tls.method           refined 
_pdbx_refine_tls.origin_x         -0.02756728174 
_pdbx_refine_tls.origin_y         -0.05584273719 
_pdbx_refine_tls.origin_z         -0.00254424529 
_pdbx_refine_tls.T[1][1]          0.170808044117 
_pdbx_refine_tls.T[1][1]_esd      ? 
_pdbx_refine_tls.T[1][2]          0.109177079179 
_pdbx_refine_tls.T[1][2]_esd      ? 
_pdbx_refine_tls.T[1][3]          -0.021748196865 
_pdbx_refine_tls.T[1][3]_esd      ? 
_pdbx_refine_tls.T[2][2]          0.44783169208 
_pdbx_refine_tls.T[2][2]_esd      ? 
_pdbx_refine_tls.T[2][3]          0.124477087422 
_pdbx_refine_tls.T[2][3]_esd      ? 
_pdbx_refine_tls.T[3][3]          0.327427570114 
_pdbx_refine_tls.T[3][3]_esd      ? 
_pdbx_refine_tls.L[1][1]          0.77503259099 
_pdbx_refine_tls.L[1][1]_esd      ? 
_pdbx_refine_tls.L[1][2]          -0.264591319057 
_pdbx_refine_tls.L[1][2]_esd      ? 
_pdbx_refine_tls.L[1][3]          0.217954018566 
_pdbx_refine_tls.L[1][3]_esd      ? 
_pdbx_refine_tls.L[2][2]          1.79079466609 
_pdbx_refine_tls.L[2][2]_esd      ? 
_pdbx_refine_tls.L[2][3]          -0.40188584679 
_pdbx_refine_tls.L[2][3]_esd      ? 
_pdbx_refine_tls.L[3][3]          1.90985772946 
_pdbx_refine_tls.L[3][3]_esd      ? 
_pdbx_refine_tls.S[1][1]          0.630511921203 
_pdbx_refine_tls.S[1][1]_esd      ? 
_pdbx_refine_tls.S[1][2]          0.114717719294 
_pdbx_refine_tls.S[1][2]_esd      ? 
_pdbx_refine_tls.S[1][3]          -0.712408756078 
_pdbx_refine_tls.S[1][3]_esd      ? 
_pdbx_refine_tls.S[2][1]          -0.020596374679 
_pdbx_refine_tls.S[2][1]_esd      ? 
_pdbx_refine_tls.S[2][2]          0.926410912854 
_pdbx_refine_tls.S[2][2]_esd      ? 
_pdbx_refine_tls.S[2][3]          -0.813098077383 
_pdbx_refine_tls.S[2][3]_esd      ? 
_pdbx_refine_tls.S[3][1]          -0.164296310377 
_pdbx_refine_tls.S[3][1]_esd      ? 
_pdbx_refine_tls.S[3][2]          -0.872604840285 
_pdbx_refine_tls.S[3][2]_esd      ? 
_pdbx_refine_tls.S[3][3]          0.47480996486 
_pdbx_refine_tls.S[3][3]_esd      ? 
# 
_pdbx_refine_tls_group.id                  1 
_pdbx_refine_tls_group.pdbx_refine_id      'X-RAY DIFFRACTION' 
_pdbx_refine_tls_group.refine_tls_id       1 
_pdbx_refine_tls_group.beg_label_asym_id   A 
_pdbx_refine_tls_group.beg_label_seq_id    ? 
_pdbx_refine_tls_group.beg_auth_asym_id    C 
_pdbx_refine_tls_group.beg_auth_seq_id     1 
_pdbx_refine_tls_group.beg_PDB_ins_code    ? 
_pdbx_refine_tls_group.end_label_asym_id   C 
_pdbx_refine_tls_group.end_label_seq_id    ? 
_pdbx_refine_tls_group.end_auth_asym_id    B 
_pdbx_refine_tls_group.end_auth_seq_id     5 
_pdbx_refine_tls_group.end_PDB_ins_code    ? 
_pdbx_refine_tls_group.selection           ? 
_pdbx_refine_tls_group.selection_details   all 
# 
loop_
_chem_comp_atom.comp_id 
_chem_comp_atom.atom_id 
_chem_comp_atom.type_symbol 
_chem_comp_atom.pdbx_aromatic_flag 
_chem_comp_atom.pdbx_stereo_config 
_chem_comp_atom.pdbx_ordinal 
DA OP3    O N N 1   
DA P      P N N 2   
DA OP1    O N N 3   
DA OP2    O N N 4   
DA "O5'"  O N N 5   
DA "C5'"  C N N 6   
DA "C4'"  C N R 7   
DA "O4'"  O N N 8   
DA "C3'"  C N S 9   
DA "O3'"  O N N 10  
DA "C2'"  C N N 11  
DA "C1'"  C N R 12  
DA N9     N Y N 13  
DA C8     C Y N 14  
DA N7     N Y N 15  
DA C5     C Y N 16  
DA C6     C Y N 17  
DA N6     N N N 18  
DA N1     N Y N 19  
DA C2     C Y N 20  
DA N3     N Y N 21  
DA C4     C Y N 22  
DA HOP3   H N N 23  
DA HOP2   H N N 24  
DA "H5'"  H N N 25  
DA "H5''" H N N 26  
DA "H4'"  H N N 27  
DA "H3'"  H N N 28  
DA "HO3'" H N N 29  
DA "H2'"  H N N 30  
DA "H2''" H N N 31  
DA "H1'"  H N N 32  
DA H8     H N N 33  
DA H61    H N N 34  
DA H62    H N N 35  
DA H2     H N N 36  
DC OP3    O N N 37  
DC P      P N N 38  
DC OP1    O N N 39  
DC OP2    O N N 40  
DC "O5'"  O N N 41  
DC "C5'"  C N N 42  
DC "C4'"  C N R 43  
DC "O4'"  O N N 44  
DC "C3'"  C N S 45  
DC "O3'"  O N N 46  
DC "C2'"  C N N 47  
DC "C1'"  C N R 48  
DC N1     N N N 49  
DC C2     C N N 50  
DC O2     O N N 51  
DC N3     N N N 52  
DC C4     C N N 53  
DC N4     N N N 54  
DC C5     C N N 55  
DC C6     C N N 56  
DC HOP3   H N N 57  
DC HOP2   H N N 58  
DC "H5'"  H N N 59  
DC "H5''" H N N 60  
DC "H4'"  H N N 61  
DC "H3'"  H N N 62  
DC "HO3'" H N N 63  
DC "H2'"  H N N 64  
DC "H2''" H N N 65  
DC "H1'"  H N N 66  
DC H41    H N N 67  
DC H42    H N N 68  
DC H5     H N N 69  
DC H6     H N N 70  
DG OP3    O N N 71  
DG P      P N N 72  
DG OP1    O N N 73  
DG OP2    O N N 74  
DG "O5'"  O N N 75  
DG "C5'"  C N N 76  
DG "C4'"  C N R 77  
DG "O4'"  O N N 78  
DG "C3'"  C N S 79  
DG "O3'"  O N N 80  
DG "C2'"  C N N 81  
DG "C1'"  C N R 82  
DG N9     N Y N 83  
DG C8     C Y N 84  
DG N7     N Y N 85  
DG C5     C Y N 86  
DG C6     C N N 87  
DG O6     O N N 88  
DG N1     N N N 89  
DG C2     C N N 90  
DG N2     N N N 91  
DG N3     N N N 92  
DG C4     C Y N 93  
DG HOP3   H N N 94  
DG HOP2   H N N 95  
DG "H5'"  H N N 96  
DG "H5''" H N N 97  
DG "H4'"  H N N 98  
DG "H3'"  H N N 99  
DG "HO3'" H N N 100 
DG "H2'"  H N N 101 
DG "H2''" H N N 102 
DG "H1'"  H N N 103 
DG H8     H N N 104 
DG H1     H N N 105 
DG H21    H N N 106 
DG H22    H N N 107 
DT OP3    O N N 108 
DT P      P N N 109 
DT OP1    O N N 110 
DT OP2    O N N 111 
DT "O5'"  O N N 112 
DT "C5'"  C N N 113 
DT "C4'"  C N R 114 
DT "O4'"  O N N 115 
DT "C3'"  C N S 116 
DT "O3'"  O N N 117 
DT "C2'"  C N N 118 
DT "C1'"  C N R 119 
DT N1     N N N 120 
DT C2     C N N 121 
DT O2     O N N 122 
DT N3     N N N 123 
DT C4     C N N 124 
DT O4     O N N 125 
DT C5     C N N 126 
DT C7     C N N 127 
DT C6     C N N 128 
DT HOP3   H N N 129 
DT HOP2   H N N 130 
DT "H5'"  H N N 131 
DT "H5''" H N N 132 
DT "H4'"  H N N 133 
DT "H3'"  H N N 134 
DT "HO3'" H N N 135 
DT "H2'"  H N N 136 
DT "H2''" H N N 137 
DT "H1'"  H N N 138 
DT H3     H N N 139 
DT H71    H N N 140 
DT H72    H N N 141 
DT H73    H N N 142 
DT H6     H N N 143 
# 
loop_
_chem_comp_bond.comp_id 
_chem_comp_bond.atom_id_1 
_chem_comp_bond.atom_id_2 
_chem_comp_bond.value_order 
_chem_comp_bond.pdbx_aromatic_flag 
_chem_comp_bond.pdbx_stereo_config 
_chem_comp_bond.pdbx_ordinal 
DA OP3   P      sing N N 1   
DA OP3   HOP3   sing N N 2   
DA P     OP1    doub N N 3   
DA P     OP2    sing N N 4   
DA P     "O5'"  sing N N 5   
DA OP2   HOP2   sing N N 6   
DA "O5'" "C5'"  sing N N 7   
DA "C5'" "C4'"  sing N N 8   
DA "C5'" "H5'"  sing N N 9   
DA "C5'" "H5''" sing N N 10  
DA "C4'" "O4'"  sing N N 11  
DA "C4'" "C3'"  sing N N 12  
DA "C4'" "H4'"  sing N N 13  
DA "O4'" "C1'"  sing N N 14  
DA "C3'" "O3'"  sing N N 15  
DA "C3'" "C2'"  sing N N 16  
DA "C3'" "H3'"  sing N N 17  
DA "O3'" "HO3'" sing N N 18  
DA "C2'" "C1'"  sing N N 19  
DA "C2'" "H2'"  sing N N 20  
DA "C2'" "H2''" sing N N 21  
DA "C1'" N9     sing N N 22  
DA "C1'" "H1'"  sing N N 23  
DA N9    C8     sing Y N 24  
DA N9    C4     sing Y N 25  
DA C8    N7     doub Y N 26  
DA C8    H8     sing N N 27  
DA N7    C5     sing Y N 28  
DA C5    C6     sing Y N 29  
DA C5    C4     doub Y N 30  
DA C6    N6     sing N N 31  
DA C6    N1     doub Y N 32  
DA N6    H61    sing N N 33  
DA N6    H62    sing N N 34  
DA N1    C2     sing Y N 35  
DA C2    N3     doub Y N 36  
DA C2    H2     sing N N 37  
DA N3    C4     sing Y N 38  
DC OP3   P      sing N N 39  
DC OP3   HOP3   sing N N 40  
DC P     OP1    doub N N 41  
DC P     OP2    sing N N 42  
DC P     "O5'"  sing N N 43  
DC OP2   HOP2   sing N N 44  
DC "O5'" "C5'"  sing N N 45  
DC "C5'" "C4'"  sing N N 46  
DC "C5'" "H5'"  sing N N 47  
DC "C5'" "H5''" sing N N 48  
DC "C4'" "O4'"  sing N N 49  
DC "C4'" "C3'"  sing N N 50  
DC "C4'" "H4'"  sing N N 51  
DC "O4'" "C1'"  sing N N 52  
DC "C3'" "O3'"  sing N N 53  
DC "C3'" "C2'"  sing N N 54  
DC "C3'" "H3'"  sing N N 55  
DC "O3'" "HO3'" sing N N 56  
DC "C2'" "C1'"  sing N N 57  
DC "C2'" "H2'"  sing N N 58  
DC "C2'" "H2''" sing N N 59  
DC "C1'" N1     sing N N 60  
DC "C1'" "H1'"  sing N N 61  
DC N1    C2     sing N N 62  
DC N1    C6     sing N N 63  
DC C2    O2     doub N N 64  
DC C2    N3     sing N N 65  
DC N3    C4     doub N N 66  
DC C4    N4     sing N N 67  
DC C4    C5     sing N N 68  
DC N4    H41    sing N N 69  
DC N4    H42    sing N N 70  
DC C5    C6     doub N N 71  
DC C5    H5     sing N N 72  
DC C6    H6     sing N N 73  
DG OP3   P      sing N N 74  
DG OP3   HOP3   sing N N 75  
DG P     OP1    doub N N 76  
DG P     OP2    sing N N 77  
DG P     "O5'"  sing N N 78  
DG OP2   HOP2   sing N N 79  
DG "O5'" "C5'"  sing N N 80  
DG "C5'" "C4'"  sing N N 81  
DG "C5'" "H5'"  sing N N 82  
DG "C5'" "H5''" sing N N 83  
DG "C4'" "O4'"  sing N N 84  
DG "C4'" "C3'"  sing N N 85  
DG "C4'" "H4'"  sing N N 86  
DG "O4'" "C1'"  sing N N 87  
DG "C3'" "O3'"  sing N N 88  
DG "C3'" "C2'"  sing N N 89  
DG "C3'" "H3'"  sing N N 90  
DG "O3'" "HO3'" sing N N 91  
DG "C2'" "C1'"  sing N N 92  
DG "C2'" "H2'"  sing N N 93  
DG "C2'" "H2''" sing N N 94  
DG "C1'" N9     sing N N 95  
DG "C1'" "H1'"  sing N N 96  
DG N9    C8     sing Y N 97  
DG N9    C4     sing Y N 98  
DG C8    N7     doub Y N 99  
DG C8    H8     sing N N 100 
DG N7    C5     sing Y N 101 
DG C5    C6     sing N N 102 
DG C5    C4     doub Y N 103 
DG C6    O6     doub N N 104 
DG C6    N1     sing N N 105 
DG N1    C2     sing N N 106 
DG N1    H1     sing N N 107 
DG C2    N2     sing N N 108 
DG C2    N3     doub N N 109 
DG N2    H21    sing N N 110 
DG N2    H22    sing N N 111 
DG N3    C4     sing N N 112 
DT OP3   P      sing N N 113 
DT OP3   HOP3   sing N N 114 
DT P     OP1    doub N N 115 
DT P     OP2    sing N N 116 
DT P     "O5'"  sing N N 117 
DT OP2   HOP2   sing N N 118 
DT "O5'" "C5'"  sing N N 119 
DT "C5'" "C4'"  sing N N 120 
DT "C5'" "H5'"  sing N N 121 
DT "C5'" "H5''" sing N N 122 
DT "C4'" "O4'"  sing N N 123 
DT "C4'" "C3'"  sing N N 124 
DT "C4'" "H4'"  sing N N 125 
DT "O4'" "C1'"  sing N N 126 
DT "C3'" "O3'"  sing N N 127 
DT "C3'" "C2'"  sing N N 128 
DT "C3'" "H3'"  sing N N 129 
DT "O3'" "HO3'" sing N N 130 
DT "C2'" "C1'"  sing N N 131 
DT "C2'" "H2'"  sing N N 132 
DT "C2'" "H2''" sing N N 133 
DT "C1'" N1     sing N N 134 
DT "C1'" "H1'"  sing N N 135 
DT N1    C2     sing N N 136 
DT N1    C6     sing N N 137 
DT C2    O2     doub N N 138 
DT C2    N3     sing N N 139 
DT N3    C4     sing N N 140 
DT N3    H3     sing N N 141 
DT C4    O4     doub N N 142 
DT C4    C5     sing N N 143 
DT C5    C7     sing N N 144 
DT C5    C6     doub N N 145 
DT C7    H71    sing N N 146 
DT C7    H72    sing N N 147 
DT C7    H73    sing N N 148 
DT C6    H6     sing N N 149 
# 
_ndb_struct_conf_na.entry_id   8EPD 
_ndb_struct_conf_na.feature    'b-form double helix' 
# 
loop_
_ndb_struct_na_base_pair.model_number 
_ndb_struct_na_base_pair.i_label_asym_id 
_ndb_struct_na_base_pair.i_label_comp_id 
_ndb_struct_na_base_pair.i_label_seq_id 
_ndb_struct_na_base_pair.i_symmetry 
_ndb_struct_na_base_pair.j_label_asym_id 
_ndb_struct_na_base_pair.j_label_comp_id 
_ndb_struct_na_base_pair.j_label_seq_id 
_ndb_struct_na_base_pair.j_symmetry 
_ndb_struct_na_base_pair.shear 
_ndb_struct_na_base_pair.stretch 
_ndb_struct_na_base_pair.stagger 
_ndb_struct_na_base_pair.buckle 
_ndb_struct_na_base_pair.propeller 
_ndb_struct_na_base_pair.opening 
_ndb_struct_na_base_pair.pair_number 
_ndb_struct_na_base_pair.pair_name 
_ndb_struct_na_base_pair.i_auth_asym_id 
_ndb_struct_na_base_pair.i_auth_seq_id 
_ndb_struct_na_base_pair.i_PDB_ins_code 
_ndb_struct_na_base_pair.j_auth_asym_id 
_ndb_struct_na_base_pair.j_auth_seq_id 
_ndb_struct_na_base_pair.j_PDB_ins_code 
_ndb_struct_na_base_pair.hbond_type_28 
_ndb_struct_na_base_pair.hbond_type_12 
1 A DC 1 1_555 B DG 5 1_555 -0.090 0.717  0.438  -4.470 1.012  7.490  1 C_DC1:DG5_A C 1 ? A 5 ? ?  1 
1 A DG 2 1_555 B DC 4 1_555 -0.101 -0.060 -0.002 -1.796 -4.406 4.738  2 C_DG2:DC4_A C 2 ? A 4 ? 19 1 
1 A DT 3 1_555 B DA 3 1_555 -0.310 -0.047 0.272  -2.363 -2.486 -6.001 3 C_DT3:DA3_A C 3 ? A 3 ? 20 1 
1 A DT 4 1_555 C DA 3 1_555 -0.255 -0.151 0.340  2.436  -4.114 3.107  4 C_DT4:DA3_B C 4 ? B 3 ? 20 1 
1 A DC 5 1_555 C DG 2 1_555 0.216  -0.125 -0.289 0.910  -6.638 1.899  5 C_DC5:DG2_B C 5 ? B 2 ? 19 1 
1 A DC 6 1_555 C DG 1 1_555 0.153  -0.106 -0.584 5.382  -7.873 3.299  6 C_DC6:DG1_B C 6 ? B 1 ? 19 1 
# 
loop_
_ndb_struct_na_base_pair_step.model_number 
_ndb_struct_na_base_pair_step.i_label_asym_id_1 
_ndb_struct_na_base_pair_step.i_label_comp_id_1 
_ndb_struct_na_base_pair_step.i_label_seq_id_1 
_ndb_struct_na_base_pair_step.i_symmetry_1 
_ndb_struct_na_base_pair_step.j_label_asym_id_1 
_ndb_struct_na_base_pair_step.j_label_comp_id_1 
_ndb_struct_na_base_pair_step.j_label_seq_id_1 
_ndb_struct_na_base_pair_step.j_symmetry_1 
_ndb_struct_na_base_pair_step.i_label_asym_id_2 
_ndb_struct_na_base_pair_step.i_label_comp_id_2 
_ndb_struct_na_base_pair_step.i_label_seq_id_2 
_ndb_struct_na_base_pair_step.i_symmetry_2 
_ndb_struct_na_base_pair_step.j_label_asym_id_2 
_ndb_struct_na_base_pair_step.j_label_comp_id_2 
_ndb_struct_na_base_pair_step.j_label_seq_id_2 
_ndb_struct_na_base_pair_step.j_symmetry_2 
_ndb_struct_na_base_pair_step.shift 
_ndb_struct_na_base_pair_step.slide 
_ndb_struct_na_base_pair_step.rise 
_ndb_struct_na_base_pair_step.tilt 
_ndb_struct_na_base_pair_step.roll 
_ndb_struct_na_base_pair_step.twist 
_ndb_struct_na_base_pair_step.x_displacement 
_ndb_struct_na_base_pair_step.y_displacement 
_ndb_struct_na_base_pair_step.helical_rise 
_ndb_struct_na_base_pair_step.inclination 
_ndb_struct_na_base_pair_step.tip 
_ndb_struct_na_base_pair_step.helical_twist 
_ndb_struct_na_base_pair_step.step_number 
_ndb_struct_na_base_pair_step.step_name 
_ndb_struct_na_base_pair_step.i_auth_asym_id_1 
_ndb_struct_na_base_pair_step.i_auth_seq_id_1 
_ndb_struct_na_base_pair_step.i_PDB_ins_code_1 
_ndb_struct_na_base_pair_step.j_auth_asym_id_1 
_ndb_struct_na_base_pair_step.j_auth_seq_id_1 
_ndb_struct_na_base_pair_step.j_PDB_ins_code_1 
_ndb_struct_na_base_pair_step.i_auth_asym_id_2 
_ndb_struct_na_base_pair_step.i_auth_seq_id_2 
_ndb_struct_na_base_pair_step.i_PDB_ins_code_2 
_ndb_struct_na_base_pair_step.j_auth_asym_id_2 
_ndb_struct_na_base_pair_step.j_auth_seq_id_2 
_ndb_struct_na_base_pair_step.j_PDB_ins_code_2 
1 A DC 1 1_555 B DG 5 1_555 A DG 2 1_555 B DC 4 1_555 0.157  0.655  3.143 0.731  7.311 39.179 0.132  -0.148 3.211 10.787 -1.079  
39.835 1 CC_DC1DG2:DC4DG5_AA C 1 ? A 5 ? C 2 ? A 4 ? 
1 A DG 2 1_555 B DC 4 1_555 A DT 3 1_555 B DA 3 1_555 -0.514 -0.625 3.442 -3.938 1.119 28.217 -1.540 0.091  3.453 2.280  8.023   
28.507 2 CC_DG2DT3:DA3DC4_AA C 2 ? A 4 ? C 3 ? A 3 ? 
1 A DT 4 1_555 C DA 3 1_555 A DC 5 1_555 C DG 2 1_555 0.671  -0.123 3.212 6.694  4.152 38.361 -0.680 -0.200 3.250 6.239  -10.058 
39.132 3 CC_DT4DC5:DG2DA3_BB C 4 ? B 3 ? C 5 ? B 2 ? 
1 A DC 5 1_555 C DG 2 1_555 A DC 6 1_555 C DG 1 1_555 0.300  1.057  3.245 5.882  2.921 29.722 1.421  0.625  3.328 5.609  -11.294 
30.423 4 CC_DC5DC6:DG1DG2_BB C 5 ? B 2 ? C 6 ? B 1 ? 
# 
loop_
_pdbx_audit_support.funding_organization 
_pdbx_audit_support.country 
_pdbx_audit_support.grant_number 
_pdbx_audit_support.ordinal 
'National Science Foundation (NSF, United States)'                                         'United States' CMMI-2025187 1 
'National Science Foundation (NSF, United States)'                                         'United States' CCF-2107393  2 
'National Institutes of Health/National Institute of General Medical Sciences (NIH/NIGMS)' 'United States' 1R01GM127884 3 
'National Institutes of Health/National Institute of General Medical Sciences (NIH/NIGMS)' 'United States' 1R01GM127896 4 
# 
_pdbx_initial_refinement_model.accession_code   ? 
_pdbx_initial_refinement_model.id               1 
_pdbx_initial_refinement_model.entity_id_list   ? 
_pdbx_initial_refinement_model.type             'in silico model' 
_pdbx_initial_refinement_model.source_name      Other 
_pdbx_initial_refinement_model.details          'ideal B type DNA duplexes generated in Cadnano' 
# 
_space_group.name_H-M_alt     'P 43 2 2' 
_space_group.name_Hall        'P 4cw 2c' 
_space_group.IT_number        95 
_space_group.crystal_system   tetragonal 
_space_group.id               1 
# 
_atom_sites.entry_id                    8EPD 
_atom_sites.Cartn_transf_matrix[1][1]   ? 
_atom_sites.Cartn_transf_matrix[1][2]   ? 
_atom_sites.Cartn_transf_matrix[1][3]   ? 
_atom_sites.Cartn_transf_matrix[2][1]   ? 
_atom_sites.Cartn_transf_matrix[2][2]   ? 
_atom_sites.Cartn_transf_matrix[2][3]   ? 
_atom_sites.Cartn_transf_matrix[3][1]   ? 
_atom_sites.Cartn_transf_matrix[3][2]   ? 
_atom_sites.Cartn_transf_matrix[3][3]   ? 
_atom_sites.Cartn_transf_vector[1]      ? 
_atom_sites.Cartn_transf_vector[2]      ? 
_atom_sites.Cartn_transf_vector[3]      ? 
_atom_sites.fract_transf_matrix[1][1]   -0.01336452 
_atom_sites.fract_transf_matrix[1][2]   -0.01630916 
_atom_sites.fract_transf_matrix[1][3]   -0.02029964 
_atom_sites.fract_transf_matrix[2][1]   0.02179127 
_atom_sites.fract_transf_matrix[2][2]   -0.01949568 
_atom_sites.fract_transf_matrix[2][3]   0.00131668 
_atom_sites.fract_transf_matrix[3][1]   -0.00466870 
_atom_sites.fract_transf_matrix[3][2]   -0.00475295 
_atom_sites.fract_transf_matrix[3][3]   0.00689232 
_atom_sites.fract_transf_vector[1]      0.287132 
_atom_sites.fract_transf_vector[2]      0.207801 
_atom_sites.fract_transf_vector[3]      0.062248 
_atom_sites.solution_primary            ? 
_atom_sites.solution_secondary          ? 
_atom_sites.solution_hydrogens          ? 
_atom_sites.special_details             ? 
# 
loop_
_atom_type.symbol 
_atom_type.scat_dispersion_real 
_atom_type.scat_dispersion_imag 
_atom_type.scat_Cromer_Mann_a1 
_atom_type.scat_Cromer_Mann_a2 
_atom_type.scat_Cromer_Mann_a3 
_atom_type.scat_Cromer_Mann_a4 
_atom_type.scat_Cromer_Mann_b1 
_atom_type.scat_Cromer_Mann_b2 
_atom_type.scat_Cromer_Mann_b3 
_atom_type.scat_Cromer_Mann_b4 
_atom_type.scat_Cromer_Mann_c 
_atom_type.scat_source 
_atom_type.scat_dispersion_source 
C ? ? 3.54356 2.42580 ? ? 25.62398 1.50364  ? ? 0.0 
;2-Gaussian fit: Grosse-Kunstleve RW, Sauter NK, Adams PD: Newsletter of the IUCr Commission on Crystallographic Computing 2004, 3, 22-31.
;
? 
N ? ? 4.01032 2.96436 ? ? 19.97189 1.75589  ? ? 0.0 
;2-Gaussian fit: Grosse-Kunstleve RW, Sauter NK, Adams PD: Newsletter of the IUCr Commission on Crystallographic Computing 2004, 3, 22-31.
;
? 
O ? ? 4.49882 3.47563 ? ? 15.80542 1.70748  ? ? 0.0 
;2-Gaussian fit: Grosse-Kunstleve RW, Sauter NK, Adams PD: Newsletter of the IUCr Commission on Crystallographic Computing 2004, 3, 22-31.
;
? 
P ? ? 9.51135 5.44231 ? ? 1.42069  35.72801 ? ? 0.0 
;2-Gaussian fit: Grosse-Kunstleve RW, Sauter NK, Adams PD: Newsletter of the IUCr Commission on Crystallographic Computing 2004, 3, 22-31.
;
? 
# 
loop_
_atom_site.group_PDB 
_atom_site.id 
_atom_site.type_symbol 
_atom_site.label_atom_id 
_atom_site.label_alt_id 
_atom_site.label_comp_id 
_atom_site.label_asym_id 
_atom_site.label_entity_id 
_atom_site.label_seq_id 
_atom_site.pdbx_PDB_ins_code 
_atom_site.Cartn_x 
_atom_site.Cartn_y 
_atom_site.Cartn_z 
_atom_site.occupancy 
_atom_site.B_iso_or_equiv 
_atom_site.pdbx_formal_charge 
_atom_site.auth_seq_id 
_atom_site.auth_comp_id 
_atom_site.auth_asym_id 
_atom_site.auth_atom_id 
_atom_site.pdbx_PDB_model_num 
ATOM 1   P P     . DC A 1 1 ? 5.50887   2.10849   11.59927  1.000 63.06505  ? 1 DC C P     1 
ATOM 2   O OP1   . DC A 1 1 ? 6.75393   1.31134   11.71271  1.000 51.00069  ? 1 DC C OP1   1 
ATOM 3   O OP2   . DC A 1 1 ? 5.32711   3.17078   10.57219  1.000 57.61834  ? 1 DC C OP2   1 
ATOM 4   O "O5'" . DC A 1 1 ? 4.31077   1.07161   11.41653  1.000 56.84045  ? 1 DC C "O5'" 1 
ATOM 5   C "C5'" . DC A 1 1 ? 4.44995   -0.02147  10.52172  1.000 49.90838  ? 1 DC C "C5'" 1 
ATOM 6   C "C4'" . DC A 1 1 ? 3.54806   0.14119   9.29799   1.000 45.53423  ? 1 DC C "C4'" 1 
ATOM 7   O "O4'" . DC A 1 1 ? 2.43313   1.04509   9.56729   1.000 51.14699  ? 1 DC C "O4'" 1 
ATOM 8   C "C3'" . DC A 1 1 ? 4.21988   0.66920   8.04586   1.000 39.72903  ? 1 DC C "C3'" 1 
ATOM 9   O "O3'" . DC A 1 1 ? 3.88959   -0.18685  7.00135   1.000 34.90399  ? 1 DC C "O3'" 1 
ATOM 10  C "C2'" . DC A 1 1 ? 3.58444   2.05437   7.87188   1.000 47.71882  ? 1 DC C "C2'" 1 
ATOM 11  C "C1'" . DC A 1 1 ? 2.19764   1.82314   8.42422   1.000 46.97640  ? 1 DC C "C1'" 1 
ATOM 12  N N1    . DC A 1 1 ? 1.49980   3.06901   8.85987   1.000 46.18228  ? 1 DC C N1    1 
ATOM 13  C C2    . DC A 1 1 ? 0.21267   3.38485   8.38208   1.000 46.18867  ? 1 DC C C2    1 
ATOM 14  O O2    . DC A 1 1 ? -0.35307  2.63365   7.57064   1.000 41.35126  ? 1 DC C O2    1 
ATOM 15  N N3    . DC A 1 1 ? -0.40016  4.53158   8.84167   1.000 46.71623  ? 1 DC C N3    1 
ATOM 16  C C4    . DC A 1 1 ? 0.22587   5.32978   9.70977   1.000 43.42433  ? 1 DC C C4    1 
ATOM 17  N N4    . DC A 1 1 ? -0.39785  6.44298   10.12489  1.000 36.20184  ? 1 DC C N4    1 
ATOM 18  C C5    . DC A 1 1 ? 1.52294   5.01218   10.19339  1.000 48.65483  ? 1 DC C C5    1 
ATOM 19  C C6    . DC A 1 1 ? 2.11175   3.88665   9.75264   1.000 46.24732  ? 1 DC C C6    1 
ATOM 20  P P     . DG A 1 2 ? 4.40823   0.05936   5.50143   1.000 48.22889  ? 2 DG C P     1 
ATOM 21  O OP1   . DG A 1 2 ? 5.62976   -0.74921  5.27735   1.000 40.87570  ? 2 DG C OP1   1 
ATOM 22  O OP2   . DG A 1 2 ? 4.40937   1.50199   5.14220   1.000 52.66348  ? 2 DG C OP2   1 
ATOM 23  O "O5'" . DG A 1 2 ? 3.22861   -0.55981  4.62564   1.000 49.51183  ? 2 DG C "O5'" 1 
ATOM 24  C "C5'" . DG A 1 2 ? 1.86814   -0.35842  5.03110   1.000 48.86128  ? 2 DG C "C5'" 1 
ATOM 25  C "C4'" . DG A 1 2 ? 0.98043   0.06586   3.86634   1.000 45.85532  ? 2 DG C "C4'" 1 
ATOM 26  O "O4'" . DG A 1 2 ? 0.28768   1.27707   4.23129   1.000 45.34335  ? 2 DG C "O4'" 1 
ATOM 27  C "C3'" . DG A 1 2 ? 1.69269   0.43948   2.58546   1.000 43.87495  ? 2 DG C "C3'" 1 
ATOM 28  O "O3'" . DG A 1 2 ? 0.73439   0.46117   1.54503   1.000 40.55844  ? 2 DG C "O3'" 1 
ATOM 29  C "C2'" . DG A 1 2 ? 2.15694   1.84727   2.92363   1.000 39.83445  ? 2 DG C "C2'" 1 
ATOM 30  C "C1'" . DG A 1 2 ? 0.88899   2.37178   3.57444   1.000 41.81871  ? 2 DG C "C1'" 1 
ATOM 31  N N9    . DG A 1 2 ? 1.10505   3.42077   4.54739   1.000 41.32818  ? 2 DG C N9    1 
ATOM 32  C C8    . DG A 1 2 ? 2.20061   3.62135   5.32829   1.000 40.01266  ? 2 DG C C8    1 
ATOM 33  N N7    . DG A 1 2 ? 2.09199   4.66652   6.10497   1.000 41.47771  ? 2 DG C N7    1 
ATOM 34  C C5    . DG A 1 2 ? 0.84079   5.17856   5.81816   1.000 40.99495  ? 2 DG C C5    1 
ATOM 35  C C6    . DG A 1 2 ? 0.15242   6.29958   6.35374   1.000 41.94170  ? 2 DG C C6    1 
ATOM 36  O O6    . DG A 1 2 ? 0.53658   7.11347   7.23605   1.000 36.93765  ? 2 DG C O6    1 
ATOM 37  N N1    . DG A 1 2 ? -1.13191  6.43213   5.77080   1.000 41.39985  ? 2 DG C N1    1 
ATOM 38  C C2    . DG A 1 2 ? -1.65184  5.58881   4.81536   1.000 36.34379  ? 2 DG C C2    1 
ATOM 39  N N2    . DG A 1 2 ? -2.87956  5.84102   4.38704   1.000 33.80342  ? 2 DG C N2    1 
ATOM 40  N N3    . DG A 1 2 ? -1.00819  4.56538   4.31268   1.000 38.26182  ? 2 DG C N3    1 
ATOM 41  C C4    . DG A 1 2 ? 0.21928   4.41405   4.85959   1.000 41.48656  ? 2 DG C C4    1 
ATOM 42  P P     . DT A 1 3 ? 1.16788   0.27165   0.00527   1.000 47.72779  ? 3 DT C P     1 
ATOM 43  O OP1   . DT A 1 3 ? 1.22573   -1.19235  -0.23312  1.000 47.88714  ? 3 DT C OP1   1 
ATOM 44  O OP2   . DT A 1 3 ? 2.32261   1.14861   -0.31049  1.000 49.47193  ? 3 DT C OP2   1 
ATOM 45  O "O5'" . DT A 1 3 ? -0.05188  0.90870   -0.77371  1.000 41.56066  ? 3 DT C "O5'" 1 
ATOM 46  C "C5'" . DT A 1 3 ? -1.10319  1.44898   -0.02627  1.000 42.95113  ? 3 DT C "C5'" 1 
ATOM 47  C "C4'" . DT A 1 3 ? -1.32673  2.86891   -0.43416  1.000 39.98960  ? 3 DT C "C4'" 1 
ATOM 48  O "O4'" . DT A 1 3 ? -1.02494  3.77276   0.66084   1.000 38.32697  ? 3 DT C "O4'" 1 
ATOM 49  C "C3'" . DT A 1 3 ? -0.45708  3.31648   -1.60484  1.000 45.00605  ? 3 DT C "C3'" 1 
ATOM 50  O "O3'" . DT A 1 3 ? -1.31266  3.88140   -2.61710  1.000 50.14125  ? 3 DT C "O3'" 1 
ATOM 51  C "C2'" . DT A 1 3 ? 0.44965   4.38085   -0.96360  1.000 41.37633  ? 3 DT C "C2'" 1 
ATOM 52  C "C1'" . DT A 1 3 ? -0.50601  4.93109   0.09002   1.000 39.38648  ? 3 DT C "C1'" 1 
ATOM 53  N N1    . DT A 1 3 ? 0.13815   5.77601   1.14449   1.000 37.67904  ? 3 DT C N1    1 
ATOM 54  C C2    . DT A 1 3 ? -0.49371  6.92626   1.62168   1.000 36.88250  ? 3 DT C C2    1 
ATOM 55  O O2    . DT A 1 3 ? -1.57622  7.31913   1.22757   1.000 33.37002  ? 3 DT C O2    1 
ATOM 56  N N3    . DT A 1 3 ? 0.22903   7.61146   2.56486   1.000 37.72139  ? 3 DT C N3    1 
ATOM 57  C C4    . DT A 1 3 ? 1.46387   7.25684   3.07592   1.000 38.57866  ? 3 DT C C4    1 
ATOM 58  O O4    . DT A 1 3 ? 2.05133   7.90853   3.92477   1.000 40.89573  ? 3 DT C O4    1 
ATOM 59  C C5    . DT A 1 3 ? 2.03755   6.07259   2.53388   1.000 38.93812  ? 3 DT C C5    1 
ATOM 60  C C7    . DT A 1 3 ? 3.37871   5.62301   3.00991   1.000 48.92520  ? 3 DT C C7    1 
ATOM 61  C C6    . DT A 1 3 ? 1.36182   5.40026   1.60805   1.000 37.97423  ? 3 DT C C6    1 
ATOM 62  P P     . DT A 1 4 ? -1.73928  3.06445   -3.94641  1.000 48.98169  ? 4 DT C P     1 
ATOM 63  O OP1   . DT A 1 4 ? -0.57405  2.91776   -4.83738  1.000 44.25733  ? 4 DT C OP1   1 
ATOM 64  O OP2   . DT A 1 4 ? -2.93790  3.76596   -4.42763  1.000 63.30004  ? 4 DT C OP2   1 
ATOM 65  O "O5'" . DT A 1 4 ? -2.19567  1.60693   -3.47258  1.000 40.51651  ? 4 DT C "O5'" 1 
ATOM 66  C "C5'" . DT A 1 4 ? -1.34047  0.52160   -3.73150  1.000 43.64901  ? 4 DT C "C5'" 1 
ATOM 67  C "C4'" . DT A 1 4 ? -2.06721  -0.62358  -4.38313  1.000 41.93856  ? 4 DT C "C4'" 1 
ATOM 68  O "O4'" . DT A 1 4 ? -1.08456  -1.56380  -4.92150  1.000 38.40082  ? 4 DT C "O4'" 1 
ATOM 69  C "C3'" . DT A 1 4 ? -2.92294  -1.43313  -3.42092  1.000 42.99704  ? 4 DT C "C3'" 1 
ATOM 70  O "O3'" . DT A 1 4 ? -4.06185  -1.96572  -4.09765  1.000 39.18242  ? 4 DT C "O3'" 1 
ATOM 71  C "C2'" . DT A 1 4 ? -1.95114  -2.53350  -2.99668  1.000 46.40619  ? 4 DT C "C2'" 1 
ATOM 72  C "C1'" . DT A 1 4 ? -1.27317  -2.81935  -4.32510  1.000 40.30974  ? 4 DT C "C1'" 1 
ATOM 73  N N1    . DT A 1 4 ? 0.03932   -3.51779  -4.22894  1.000 42.26324  ? 4 DT C N1    1 
ATOM 74  C C2    . DT A 1 4 ? 0.17614   -4.73503  -4.83530  1.000 47.03793  ? 4 DT C C2    1 
ATOM 75  O O2    . DT A 1 4 ? -0.72783  -5.27635  -5.43749  1.000 49.26565  ? 4 DT C O2    1 
ATOM 76  N N3    . DT A 1 4 ? 1.41282   -5.31207  -4.71180  1.000 46.59690  ? 4 DT C N3    1 
ATOM 77  C C4    . DT A 1 4 ? 2.50016   -4.81084  -4.06648  1.000 44.26829  ? 4 DT C C4    1 
ATOM 78  O O4    . DT A 1 4 ? 3.56236   -5.41470  -4.01408  1.000 42.94694  ? 4 DT C O4    1 
ATOM 79  C C5    . DT A 1 4 ? 2.30220   -3.52848  -3.44487  1.000 48.03412  ? 4 DT C C5    1 
ATOM 80  C C7    . DT A 1 4 ? 3.42890   -2.89330  -2.68771  1.000 52.32959  ? 4 DT C C7    1 
ATOM 81  C C6    . DT A 1 4 ? 1.09067   -2.94156  -3.55795  1.000 46.08902  ? 4 DT C C6    1 
ATOM 82  P P     . DC A 1 5 ? -5.37998  -2.35974  -3.26911  1.000 37.64529  ? 5 DC C P     1 
ATOM 83  O OP1   . DC A 1 5 ? -6.30345  -1.26772  -3.62850  1.000 39.24423  ? 5 DC C OP1   1 
ATOM 84  O OP2   . DC A 1 5 ? -5.09883  -2.73325  -1.85984  1.000 38.55892  ? 5 DC C OP2   1 
ATOM 85  O "O5'" . DC A 1 5 ? -5.83753  -3.73817  -3.90910  1.000 45.13728  ? 5 DC C "O5'" 1 
ATOM 86  C "C5'" . DC A 1 5 ? -4.95337  -4.44226  -4.74891  1.000 44.76063  ? 5 DC C "C5'" 1 
ATOM 87  C "C4'" . DC A 1 5 ? -4.78483  -5.85864  -4.26431  1.000 45.81612  ? 5 DC C "C4'" 1 
ATOM 88  O "O4'" . DC A 1 5 ? -3.37657  -6.13808  -4.06908  1.000 44.54387  ? 5 DC C "O4'" 1 
ATOM 89  C "C3'" . DC A 1 5 ? -5.44316  -6.16940  -2.91554  1.000 54.34571  ? 5 DC C "C3'" 1 
ATOM 90  O "O3'" . DC A 1 5 ? -5.96716  -7.49718  -2.95069  1.000 57.33410  ? 5 DC C "O3'" 1 
ATOM 91  C "C2'" . DC A 1 5 ? -4.25556  -6.08849  -1.95242  1.000 50.65900  ? 5 DC C "C2'" 1 
ATOM 92  C "C1'" . DC A 1 5 ? -3.22102  -6.76322  -2.81858  1.000 47.48869  ? 5 DC C "C1'" 1 
ATOM 93  N N1    . DC A 1 5 ? -1.82422  -6.59569  -2.38891  1.000 49.08626  ? 5 DC C N1    1 
ATOM 94  C C2    . DC A 1 5 ? -0.88099  -7.53646  -2.80632  1.000 49.62935  ? 5 DC C C2    1 
ATOM 95  O O2    . DC A 1 5 ? -1.25270  -8.47969  -3.51178  1.000 48.32194  ? 5 DC C O2    1 
ATOM 96  N N3    . DC A 1 5 ? 0.40908   -7.38791  -2.42606  1.000 51.64681  ? 5 DC C N3    1 
ATOM 97  C C4    . DC A 1 5 ? 0.76261   -6.33945  -1.67179  1.000 53.43578  ? 5 DC C C4    1 
ATOM 98  N N4    . DC A 1 5 ? 2.05268   -6.22756  -1.32212  1.000 57.27730  ? 5 DC C N4    1 
ATOM 99  C C5    . DC A 1 5 ? -0.19087  -5.36062  -1.23771  1.000 48.74869  ? 5 DC C C5    1 
ATOM 100 C C6    . DC A 1 5 ? -1.46177  -5.53245  -1.61355  1.000 49.28340  ? 5 DC C C6    1 
ATOM 101 P P     . DC A 1 6 ? -7.50114  -7.79505  -2.58392  1.000 62.14493  ? 6 DC C P     1 
ATOM 102 O OP1   . DC A 1 6 ? -8.29591  -6.83380  -3.39679  1.000 54.21761  ? 6 DC C OP1   1 
ATOM 103 O OP2   . DC A 1 6 ? -7.64093  -7.84451  -1.09049  1.000 51.56212  ? 6 DC C OP2   1 
ATOM 104 O "O5'" . DC A 1 6 ? -7.69350  -9.27788  -3.14773  1.000 54.13964  ? 6 DC C "O5'" 1 
ATOM 105 C "C5'" . DC A 1 6 ? -6.54210  -10.01759 -3.56068  1.000 53.66689  ? 6 DC C "C5'" 1 
ATOM 106 C "C4'" . DC A 1 6 ? -6.01917  -10.92615 -2.44211  1.000 58.58265  ? 6 DC C "C4'" 1 
ATOM 107 O "O4'" . DC A 1 6 ? -4.67619  -10.53132 -2.04729  1.000 55.73745  ? 6 DC C "O4'" 1 
ATOM 108 C "C3'" . DC A 1 6 ? -6.86137  -10.96370 -1.15157  1.000 61.03842  ? 6 DC C "C3'" 1 
ATOM 109 O "O3'" . DC A 1 6 ? -7.33806  -12.30701 -0.90129  1.000 63.33820  ? 6 DC C "O3'" 1 
ATOM 110 C "C2'" . DC A 1 6 ? -5.89614  -10.48945 -0.05611  1.000 59.65876  ? 6 DC C "C2'" 1 
ATOM 111 C "C1'" . DC A 1 6 ? -4.52665  -10.77637 -0.67583  1.000 56.64713  ? 6 DC C "C1'" 1 
ATOM 112 N N1    . DC A 1 6 ? -3.41733  -9.90753  -0.11675  1.000 57.10918  ? 6 DC C N1    1 
ATOM 113 C C2    . DC A 1 6 ? -2.06646  -10.24360 -0.34681  1.000 58.21077  ? 6 DC C C2    1 
ATOM 114 O O2    . DC A 1 6 ? -1.79064  -11.25295 -1.03420  1.000 55.44864  ? 6 DC C O2    1 
ATOM 115 N N3    . DC A 1 6 ? -1.08761  -9.44334  0.19995   1.000 55.33707  ? 6 DC C N3    1 
ATOM 116 C C4    . DC A 1 6 ? -1.42867  -8.36890  0.93437   1.000 53.10262  ? 6 DC C C4    1 
ATOM 117 N N4    . DC A 1 6 ? -0.44955  -7.61116  1.44624   1.000 53.84622  ? 6 DC C N4    1 
ATOM 118 C C5    . DC A 1 6 ? -2.79023  -8.02690  1.17673   1.000 52.62688  ? 6 DC C C5    1 
ATOM 119 C C6    . DC A 1 6 ? -3.73707  -8.81215  0.64543   1.000 55.18473  ? 6 DC C C6    1 
ATOM 120 O "O5'" . DC B 2 1 ? 8.92153   16.74881  7.68061   1.000 37.67016  ? 1 DC A "O5'" 1 
ATOM 121 C "C5'" . DC B 2 1 ? 7.52810   16.89359  8.02144   1.000 40.50462  ? 1 DC A "C5'" 1 
ATOM 122 C "C4'" . DC B 2 1 ? 6.85428   17.97297  7.18024   1.000 37.03028  ? 1 DC A "C4'" 1 
ATOM 123 O "O4'" . DC B 2 1 ? 7.28300   17.84699  5.80955   1.000 35.31287  ? 1 DC A "O4'" 1 
ATOM 124 C "C3'" . DC B 2 1 ? 5.34234   17.87715  7.13886   1.000 35.31291  ? 1 DC A "C3'" 1 
ATOM 125 O "O3'" . DC B 2 1 ? 4.77873   18.72476  8.07875   1.000 33.63213  ? 1 DC A "O3'" 1 
ATOM 126 C "C2'" . DC B 2 1 ? 4.98968   18.34565  5.75028   1.000 38.10508  ? 1 DC A "C2'" 1 
ATOM 127 C "C1'" . DC B 2 1 ? 6.17104   17.89647  4.94122   1.000 34.73859  ? 1 DC A "C1'" 1 
ATOM 128 N N1    . DC B 2 1 ? 6.02467   16.58802  4.29031   1.000 33.44800  ? 1 DC A N1    1 
ATOM 129 C C2    . DC B 2 1 ? 4.90780   16.29172  3.49537   1.000 37.62576  ? 1 DC A C2    1 
ATOM 130 O O2    . DC B 2 1 ? 3.98602   17.12718  3.35774   1.000 35.98758  ? 1 DC A O2    1 
ATOM 131 N N3    . DC B 2 1 ? 4.85869   15.07252  2.89879   1.000 39.66224  ? 1 DC A N3    1 
ATOM 132 C C4    . DC B 2 1 ? 5.85558   14.19888  3.06499   1.000 34.17994  ? 1 DC A C4    1 
ATOM 133 N N4    . DC B 2 1 ? 5.76917   13.02069  2.45901   1.000 35.03942  ? 1 DC A N4    1 
ATOM 134 C C5    . DC B 2 1 ? 6.97850   14.49726  3.84869   1.000 33.26795  ? 1 DC A C5    1 
ATOM 135 C C6    . DC B 2 1 ? 7.01663   15.68285  4.43877   1.000 34.58008  ? 1 DC A C6    1 
ATOM 136 P P     . DG B 2 2 ? 3.65667   18.12175  9.04191   1.000 45.82684  ? 2 DG A P     1 
ATOM 137 O OP1   . DG B 2 2 ? 3.93664   18.61251  10.41944  1.000 44.43545  ? 2 DG A OP1   1 
ATOM 138 O OP2   . DG B 2 2 ? 3.67882   16.67162  8.73437   1.000 47.05739  ? 2 DG A OP2   1 
ATOM 139 O "O5'" . DG B 2 2 ? 2.26068   18.68382  8.49778   1.000 32.28885  ? 2 DG A "O5'" 1 
ATOM 140 C "C5'" . DG B 2 2 ? 2.13743   19.16709  7.17559   1.000 33.73273  ? 2 DG A "C5'" 1 
ATOM 141 C "C4'" . DG B 2 2 ? 0.81733   18.75322  6.61376   1.000 35.75430  ? 2 DG A "C4'" 1 
ATOM 142 O "O4'" . DG B 2 2 ? 1.03681   17.83021  5.50884   1.000 40.05085  ? 2 DG A "O4'" 1 
ATOM 143 C "C3'" . DG B 2 2 ? -0.02818  17.99310  7.61705   1.000 40.54629  ? 2 DG A "C3'" 1 
ATOM 144 O "O3'" . DG B 2 2 ? -1.38742  18.17718  7.33313   1.000 43.89757  ? 2 DG A "O3'" 1 
ATOM 145 C "C2'" . DG B 2 2 ? 0.38921   16.56260  7.35113   1.000 41.72895  ? 2 DG A "C2'" 1 
ATOM 146 C "C1'" . DG B 2 2 ? 0.46562   16.57646  5.83367   1.000 41.28182  ? 2 DG A "C1'" 1 
ATOM 147 N N9    . DG B 2 2 ? 1.29308   15.48383  5.32760   1.000 39.96918  ? 2 DG A N9    1 
ATOM 148 C C8    . DG B 2 2 ? 2.52796   15.09758  5.80133   1.000 36.26490  ? 2 DG A C8    1 
ATOM 149 N N7    . DG B 2 2 ? 3.00787   14.05768  5.20671   1.000 32.61805  ? 2 DG A N7    1 
ATOM 150 C C5    . DG B 2 2 ? 2.03425   13.71382  4.29050   1.000 34.66266  ? 2 DG A C5    1 
ATOM 151 C C6    . DG B 2 2 ? 2.01391   12.66893  3.35478   1.000 34.01792  ? 2 DG A C6    1 
ATOM 152 O O6    . DG B 2 2 ? 2.87013   11.81370  3.15543   1.000 32.02269  ? 2 DG A O6    1 
ATOM 153 N N1    . DG B 2 2 ? 0.84617   12.66111  2.61230   1.000 37.70317  ? 2 DG A N1    1 
ATOM 154 C C2    . DG B 2 2 ? -0.19136  13.55690  2.75374   1.000 41.41572  ? 2 DG A C2    1 
ATOM 155 N N2    . DG B 2 2 ? -1.25008  13.37825  1.92902   1.000 38.56088  ? 2 DG A N2    1 
ATOM 156 N N3    . DG B 2 2 ? -0.18684  14.56170  3.63918   1.000 40.92482  ? 2 DG A N3    1 
ATOM 157 C C4    . DG B 2 2 ? 0.95944   14.57258  4.36560   1.000 38.66419  ? 2 DG A C4    1 
ATOM 158 P P     . DA B 2 3 ? -2.50898  17.48574  8.25522   1.000 48.41040  ? 3 DA A P     1 
ATOM 159 O OP1   . DA B 2 3 ? -2.62247  18.33063  9.46631   1.000 59.26326  ? 3 DA A OP1   1 
ATOM 160 O OP2   . DA B 2 3 ? -2.26073  16.04514  8.49243   1.000 44.77786  ? 3 DA A OP2   1 
ATOM 161 O "O5'" . DA B 2 3 ? -3.78920  17.57688  7.32058   1.000 42.07410  ? 3 DA A "O5'" 1 
ATOM 162 C "C5'" . DA B 2 3 ? -3.62334  17.48231  5.93119   1.000 43.95545  ? 3 DA A "C5'" 1 
ATOM 163 C "C4'" . DA B 2 3 ? -4.32225  16.25152  5.39028   1.000 46.38326  ? 3 DA A "C4'" 1 
ATOM 164 O "O4'" . DA B 2 3 ? -3.34228  15.25513  4.98620   1.000 43.05267  ? 3 DA A "O4'" 1 
ATOM 165 C "C3'" . DA B 2 3 ? -5.26130  15.56059  6.37010   1.000 47.74725  ? 3 DA A "C3'" 1 
ATOM 166 O "O3'" . DA B 2 3 ? -6.49432  15.27344  5.70830   1.000 48.74123  ? 3 DA A "O3'" 1 
ATOM 167 C "C2'" . DA B 2 3 ? -4.48683  14.28439  6.75152   1.000 50.09871  ? 3 DA A "C2'" 1 
ATOM 168 C "C1'" . DA B 2 3 ? -3.72923  13.99251  5.46907   1.000 45.50635  ? 3 DA A "C1'" 1 
ATOM 169 N N9    . DA B 2 3 ? -2.52026  13.20818  5.67210   1.000 43.44012  ? 3 DA A N9    1 
ATOM 170 C C8    . DA B 2 3 ? -1.52137  13.46670  6.57155   1.000 42.79833  ? 3 DA A C8    1 
ATOM 171 N N7    . DA B 2 3 ? -0.53413  12.60741  6.52514   1.000 42.51795  ? 3 DA A N7    1 
ATOM 172 C C5    . DA B 2 3 ? -0.90815  11.72344  5.51848   1.000 42.24827  ? 3 DA A C5    1 
ATOM 173 C C6    . DA B 2 3 ? -0.28141  10.58073  4.98419   1.000 39.49350  ? 3 DA A C6    1 
ATOM 174 N N6    . DA B 2 3 ? 0.89628   10.13299  5.43068   1.000 41.88513  ? 3 DA A N6    1 
ATOM 175 N N1    . DA B 2 3 ? -0.90974  9.91789   3.98373   1.000 34.73423  ? 3 DA A N1    1 
ATOM 176 C C2    . DA B 2 3 ? -2.08272  10.38043  3.56486   1.000 38.96514  ? 3 DA A C2    1 
ATOM 177 N N3    . DA B 2 3 ? -2.77753  11.44652  3.99418   1.000 42.13809  ? 3 DA A N3    1 
ATOM 178 C C4    . DA B 2 3 ? -2.12635  12.07741  4.98169   1.000 42.81862  ? 3 DA A C4    1 
ATOM 179 P P     . DC B 2 4 ? -7.70710  14.57193  6.49217   1.000 58.36402  ? 4 DC A P     1 
ATOM 180 O OP1   . DC B 2 4 ? -8.63341  15.70167  6.71474   1.000 58.67158  ? 4 DC A OP1   1 
ATOM 181 O OP2   . DC B 2 4 ? -7.22202  13.70619  7.61327   1.000 51.09813  ? 4 DC A OP2   1 
ATOM 182 O "O5'" . DC B 2 4 ? -8.37170  13.55580  5.42445   1.000 60.95244  ? 4 DC A "O5'" 1 
ATOM 183 C "C5'" . DC B 2 4 ? -7.57737  12.97128  4.41186   1.000 52.34069  ? 4 DC A "C5'" 1 
ATOM 184 C "C4'" . DC B 2 4 ? -7.59163  11.45323  4.47215   1.000 49.72819  ? 4 DC A "C4'" 1 
ATOM 185 O "O4'" . DC B 2 4 ? -6.26061  10.95111  4.73601   1.000 49.84849  ? 4 DC A "O4'" 1 
ATOM 186 C "C3'" . DC B 2 4 ? -8.52536  10.79585  5.49731   1.000 57.60188  ? 4 DC A "C3'" 1 
ATOM 187 O "O3'" . DC B 2 4 ? -9.38012  9.88979   4.76706   1.000 63.98955  ? 4 DC A "O3'" 1 
ATOM 188 C "C2'" . DC B 2 4 ? -7.55619  10.05731  6.45598   1.000 54.59996  ? 4 DC A "C2'" 1 
ATOM 189 C "C1'" . DC B 2 4 ? -6.34409  9.80837   5.56359   1.000 49.45305  ? 4 DC A "C1'" 1 
ATOM 190 N N1    . DC B 2 4 ? -5.01242  9.65954   6.30975   1.000 47.60803  ? 4 DC A N1    1 
ATOM 191 C C2    . DC B 2 4 ? -4.09465  8.67206   5.92075   1.000 43.31829  ? 4 DC A C2    1 
ATOM 192 O O2    . DC B 2 4 ? -4.38808  7.92116   5.00601   1.000 45.68473  ? 4 DC A O2    1 
ATOM 193 N N3    . DC B 2 4 ? -2.91263  8.57126   6.56700   1.000 40.01004  ? 4 DC A N3    1 
ATOM 194 C C4    . DC B 2 4 ? -2.62653  9.39765   7.56511   1.000 42.87127  ? 4 DC A C4    1 
ATOM 195 N N4    . DC B 2 4 ? -1.44250  9.25182   8.18400   1.000 47.43982  ? 4 DC A N4    1 
ATOM 196 C C5    . DC B 2 4 ? -3.52977  10.42467  7.97168   1.000 44.98635  ? 4 DC A C5    1 
ATOM 197 C C6    . DC B 2 4 ? -4.69556  10.52475  7.31629   1.000 49.32891  ? 4 DC A C6    1 
ATOM 198 P P     . DG B 2 5 ? -10.46138 8.90413   5.45004   1.000 59.79721  ? 5 DG A P     1 
ATOM 199 O OP1   . DG B 2 5 ? -11.72591 9.27875   4.79426   1.000 64.65700  ? 5 DG A OP1   1 
ATOM 200 O OP2   . DG B 2 5 ? -10.40800 8.82584   6.94090   1.000 51.63984  ? 5 DG A OP2   1 
ATOM 201 O "O5'" . DG B 2 5 ? -10.06716 7.49293   4.83574   1.000 51.42987  ? 5 DG A "O5'" 1 
ATOM 202 C "C5'" . DG B 2 5 ? -11.00702 6.45188   4.80574   1.000 53.99009  ? 5 DG A "C5'" 1 
ATOM 203 C "C4'" . DG B 2 5 ? -10.30351 5.16853   4.46929   1.000 54.52164  ? 5 DG A "C4'" 1 
ATOM 204 O "O4'" . DG B 2 5 ? -8.87798  5.35448   4.69605   1.000 54.86817  ? 5 DG A "O4'" 1 
ATOM 205 C "C3'" . DG B 2 5 ? -10.69500 3.99108   5.33019   1.000 51.33088  ? 5 DG A "C3'" 1 
ATOM 206 O "O3'" . DG B 2 5 ? -10.42697 2.79538   4.63454   1.000 55.79689  ? 5 DG A "O3'" 1 
ATOM 207 C "C2'" . DG B 2 5 ? -9.76646  4.16150   6.51077   1.000 46.15425  ? 5 DG A "C2'" 1 
ATOM 208 C "C1'" . DG B 2 5 ? -8.47366  4.61209   5.82484   1.000 51.08553  ? 5 DG A "C1'" 1 
ATOM 209 N N9    . DG B 2 5 ? -7.61862  5.45229   6.69087   1.000 53.64370  ? 5 DG A N9    1 
ATOM 210 C C8    . DG B 2 5 ? -7.97557  6.63554   7.32031   1.000 55.21922  ? 5 DG A C8    1 
ATOM 211 N N7    . DG B 2 5 ? -7.02372  7.15200   8.06520   1.000 49.16505  ? 5 DG A N7    1 
ATOM 212 C C5    . DG B 2 5 ? -5.96783  6.25763   7.93287   1.000 51.11904  ? 5 DG A C5    1 
ATOM 213 C C6    . DG B 2 5 ? -4.67380  6.30052   8.50409   1.000 50.14126  ? 5 DG A C6    1 
ATOM 214 O O6    . DG B 2 5 ? -4.22061  7.17438   9.26864   1.000 49.20321  ? 5 DG A O6    1 
ATOM 215 N N1    . DG B 2 5 ? -3.87567  5.19261   8.10114   1.000 43.05020  ? 5 DG A N1    1 
ATOM 216 C C2    . DG B 2 5 ? -4.30898  4.18990   7.25319   1.000 43.76994  ? 5 DG A C2    1 
ATOM 217 N N2    . DG B 2 5 ? -3.45221  3.19338   6.96804   1.000 46.36056  ? 5 DG A N2    1 
ATOM 218 N N3    . DG B 2 5 ? -5.53291  4.14305   6.71742   1.000 47.61291  ? 5 DG A N3    1 
ATOM 219 C C4    . DG B 2 5 ? -6.30667  5.20210   7.09307   1.000 52.54020  ? 5 DG A C4    1 
ATOM 220 P P     . DG C 3 1 ? 8.92860   -12.18317 2.77059   1.000 58.89642  ? 1 DG B P     1 
ATOM 221 O OP1   . DG C 3 1 ? 9.20897   -13.21555 3.80348   1.000 60.20422  ? 1 DG B OP1   1 
ATOM 222 O OP2   . DG C 3 1 ? 9.92478   -11.14116 2.41897   1.000 60.32861  ? 1 DG B OP2   1 
ATOM 223 O "O5'" . DG C 3 1 ? 8.59661   -13.03705 1.47709   1.000 59.60830  ? 1 DG B "O5'" 1 
ATOM 224 C "C5'" . DG C 3 1 ? 8.07920   -14.35449 1.63336   1.000 66.60821  ? 1 DG B "C5'" 1 
ATOM 225 C "C4'" . DG C 3 1 ? 7.28238   -14.73840 0.41557   1.000 69.26605  ? 1 DG B "C4'" 1 
ATOM 226 O "O4'" . DG C 3 1 ? 5.98190   -14.07737 0.45217   1.000 69.49970  ? 1 DG B "O4'" 1 
ATOM 227 C "C3'" . DG C 3 1 ? 7.93009   -14.30323 -0.87966  1.000 72.57846  ? 1 DG B "C3'" 1 
ATOM 228 O "O3'" . DG C 3 1 ? 7.67495   -15.24022 -1.89866  1.000 73.62317  ? 1 DG B "O3'" 1 
ATOM 229 C "C2'" . DG C 3 1 ? 7.27339   -12.95076 -1.16079  1.000 68.33706  ? 1 DG B "C2'" 1 
ATOM 230 C "C1'" . DG C 3 1 ? 5.86909   -13.15427 -0.61618  1.000 64.79771  ? 1 DG B "C1'" 1 
ATOM 231 N N9    . DG C 3 1 ? 5.29205   -11.93579 -0.08427  1.000 58.99716  ? 1 DG B N9    1 
ATOM 232 C C8    . DG C 3 1 ? 5.96660   -10.88018 0.47801   1.000 59.36695  ? 1 DG B C8    1 
ATOM 233 N N7    . DG C 3 1 ? 5.18246   -9.92044  0.88853   1.000 57.38502  ? 1 DG B N7    1 
ATOM 234 C C5    . DG C 3 1 ? 3.90944   -10.37107 0.57741   1.000 56.93258  ? 1 DG B C5    1 
ATOM 235 C C6    . DG C 3 1 ? 2.64907   -9.75570  0.78271   1.000 57.51241  ? 1 DG B C6    1 
ATOM 236 O O6    . DG C 3 1 ? 2.40637   -8.64838  1.30452   1.000 55.11695  ? 1 DG B O6    1 
ATOM 237 N N1    . DG C 3 1 ? 1.59793   -10.56768 0.31625   1.000 57.24882  ? 1 DG B N1    1 
ATOM 238 C C2    . DG C 3 1 ? 1.76619   -11.80541 -0.27333  1.000 56.11975  ? 1 DG B C2    1 
ATOM 239 N N2    . DG C 3 1 ? 0.65618   -12.44019 -0.66941  1.000 57.98842  ? 1 DG B N2    1 
ATOM 240 N N3    . DG C 3 1 ? 2.94585   -12.38775 -0.46090  1.000 55.35371  ? 1 DG B N3    1 
ATOM 241 C C4    . DG C 3 1 ? 3.96373   -11.61743 -0.01677  1.000 57.40665  ? 1 DG B C4    1 
ATOM 242 P P     . DG C 3 2 ? 8.64491   -15.28572 -3.17518  1.000 74.85645  ? 2 DG B P     1 
ATOM 243 O OP1   . DG C 3 2 ? 9.59289   -16.41183 -3.00844  1.000 67.48040  ? 2 DG B OP1   1 
ATOM 244 O OP2   . DG C 3 2 ? 9.16540   -13.91615 -3.38055  1.000 75.69808  ? 2 DG B OP2   1 
ATOM 245 O "O5'" . DG C 3 2 ? 7.64352   -15.53871 -4.39726  1.000 83.52782  ? 2 DG B "O5'" 1 
ATOM 246 C "C5'" . DG C 3 2 ? 6.58657   -16.48781 -4.27878  1.000 82.00157  ? 2 DG B "C5'" 1 
ATOM 247 C "C4'" . DG C 3 2 ? 5.29791   -15.90018 -4.80714  1.000 73.16814  ? 2 DG B "C4'" 1 
ATOM 248 O "O4'" . DG C 3 2 ? 4.92639   -14.74999 -3.99302  1.000 72.07086  ? 2 DG B "O4'" 1 
ATOM 249 C "C3'" . DG C 3 2 ? 5.37637   -15.38381 -6.24123  1.000 69.66982  ? 2 DG B "C3'" 1 
ATOM 250 O "O3'" . DG C 3 2 ? 4.16109   -15.71318 -6.92948  1.000 78.28379  ? 2 DG B "O3'" 1 
ATOM 251 C "C2'" . DG C 3 2 ? 5.52283   -13.87921 -6.03516  1.000 64.81902  ? 2 DG B "C2'" 1 
ATOM 252 C "C1'" . DG C 3 2 ? 4.58735   -13.70067 -4.85365  1.000 69.19933  ? 2 DG B "C1'" 1 
ATOM 253 N N9    . DG C 3 2 ? 4.72226   -12.42391 -4.15175  1.000 65.10856  ? 2 DG B N9    1 
ATOM 254 C C8    . DG C 3 2 ? 5.87931   -11.83920 -3.70831  1.000 67.21157  ? 2 DG B C8    1 
ATOM 255 N N7    . DG C 3 2 ? 5.69644   -10.68011 -3.12072  1.000 64.38158  ? 2 DG B N7    1 
ATOM 256 C C5    . DG C 3 2 ? 4.33117   -10.47296 -3.19925  1.000 58.18522  ? 2 DG B C5    1 
ATOM 257 C C6    . DG C 3 2 ? 3.55080   -9.38808  -2.73855  1.000 51.69420  ? 2 DG B C6    1 
ATOM 258 O O6    . DG C 3 2 ? 3.92669   -8.36303  -2.15927  1.000 44.54134  ? 2 DG B O6    1 
ATOM 259 N N1    . DG C 3 2 ? 2.20424   -9.58848  -3.00430  1.000 53.58091  ? 2 DG B N1    1 
ATOM 260 C C2    . DG C 3 2 ? 1.68263   -10.69949 -3.65343  1.000 57.89385  ? 2 DG B C2    1 
ATOM 261 N N2    . DG C 3 2 ? 0.35699   -10.71878 -3.83405  1.000 64.44296  ? 2 DG B N2    1 
ATOM 262 N N3    . DG C 3 2 ? 2.40549   -11.71892 -4.09514  1.000 53.47340  ? 2 DG B N3    1 
ATOM 263 C C4    . DG C 3 2 ? 3.71138   -11.54277 -3.83075  1.000 58.64339  ? 2 DG B C4    1 
ATOM 264 P P     . DA C 3 3 ? 4.06038   -15.56499 -8.53568  1.000 100.79914 ? 3 DA B P     1 
ATOM 265 O OP1   . DA C 3 3 ? 4.78861   -16.71855 -9.12612  1.000 84.52589  ? 3 DA B OP1   1 
ATOM 266 O OP2   . DA C 3 3 ? 4.43237   -14.17345 -8.89790  1.000 86.58688  ? 3 DA B OP2   1 
ATOM 267 O "O5'" . DA C 3 3 ? 2.49207   -15.71110 -8.87474  1.000 79.69080  ? 3 DA B "O5'" 1 
ATOM 268 C "C5'" . DA C 3 3 ? 1.52260   -15.49863 -7.86728  1.000 78.69958  ? 3 DA B "C5'" 1 
ATOM 269 C "C4'" . DA C 3 3 ? 0.49202   -14.46778 -8.29779  1.000 76.48145  ? 3 DA B "C4'" 1 
ATOM 270 O "O4'" . DA C 3 3 ? 0.68702   -13.23372 -7.56144  1.000 73.26162  ? 3 DA B "O4'" 1 
ATOM 271 C "C3'" . DA C 3 3 ? 0.49950   -14.09022 -9.76627  1.000 73.54927  ? 3 DA B "C3'" 1 
ATOM 272 O "O3'" . DA C 3 3 ? -0.85662  -13.91535 -10.19324 1.000 79.56417  ? 3 DA B "O3'" 1 
ATOM 273 C "C2'" . DA C 3 3 ? 1.29887   -12.77625 -9.78111  1.000 68.62552  ? 3 DA B "C2'" 1 
ATOM 274 C "C1'" . DA C 3 3 ? 0.91231   -12.15898 -8.44540  1.000 66.72550  ? 3 DA B "C1'" 1 
ATOM 275 N N9    . DA C 3 3 ? 1.93634   -11.31210 -7.82697  1.000 63.65192  ? 3 DA B N9    1 
ATOM 276 C C8    . DA C 3 3 ? 3.25008   -11.62485 -7.60572  1.000 60.36368  ? 3 DA B C8    1 
ATOM 277 N N7    . DA C 3 3 ? 3.92666   -10.67270 -6.99592  1.000 56.67100  ? 3 DA B N7    1 
ATOM 278 C C5    . DA C 3 3 ? 2.98545   -9.67640  -6.77784  1.000 57.19621  ? 3 DA B C5    1 
ATOM 279 C C6    . DA C 3 3 ? 3.06066   -8.40495  -6.17053  1.000 54.00934  ? 3 DA B C6    1 
ATOM 280 N N6    . DA C 3 3 ? 4.18845   -7.90898  -5.64798  1.000 51.85727  ? 3 DA B N6    1 
ATOM 281 N N1    . DA C 3 3 ? 1.92076   -7.65690  -6.12434  1.000 50.47492  ? 3 DA B N1    1 
ATOM 282 C C2    . DA C 3 3 ? 0.80503   -8.15190  -6.65185  1.000 46.82940  ? 3 DA B C2    1 
ATOM 283 N N3    . DA C 3 3 ? 0.61219   -9.32447  -7.24076  1.000 54.59260  ? 3 DA B N3    1 
ATOM 284 C C4    . DA C 3 3 ? 1.75122   -10.05241 -7.27305  1.000 59.89016  ? 3 DA B C4    1 
ATOM 285 P P     . DG C 3 4 ? -1.23503  -13.85706 -11.75627 1.000 85.91357  ? 4 DG B P     1 
ATOM 286 O OP1   . DG C 3 4 ? -2.51941  -14.56203 -11.96493 1.000 69.81043  ? 4 DG B OP1   1 
ATOM 287 O OP2   . DG C 3 4 ? -0.03727  -14.23476 -12.53962 1.000 79.37552  ? 4 DG B OP2   1 
ATOM 288 O "O5'" . DG C 3 4 ? -1.48992  -12.29864 -12.00159 1.000 84.78857  ? 4 DG B "O5'" 1 
ATOM 289 C "C5'" . DG C 3 4 ? -2.42803  -11.60250 -11.18576 1.000 75.71833  ? 4 DG B "C5'" 1 
ATOM 290 C "C4'" . DG C 3 4 ? -2.37323  -10.12108 -11.45903 1.000 64.03376  ? 4 DG B "C4'" 1 
ATOM 291 O "O4'" . DG C 3 4 ? -1.33040  -9.54768  -10.67028 1.000 60.77637  ? 4 DG B "O4'" 1 
ATOM 292 C "C3'" . DG C 3 4 ? -2.07753  -9.74962  -12.91143 1.000 64.71937  ? 4 DG B "C3'" 1 
ATOM 293 O "O3'" . DG C 3 4 ? -3.12974  -8.94152  -13.40705 1.000 69.45199  ? 4 DG B "O3'" 1 
ATOM 294 C "C2'" . DG C 3 4 ? -0.73933  -8.99723  -12.85883 1.000 56.36081  ? 4 DG B "C2'" 1 
ATOM 295 C "C1'" . DG C 3 4 ? -0.66128  -8.56289  -11.41064 1.000 58.57629  ? 4 DG B "C1'" 1 
ATOM 296 N N9    . DG C 3 4 ? 0.69578   -8.51544  -10.90462 1.000 56.92494  ? 4 DG B N9    1 
ATOM 297 C C8    . DG C 3 4 ? 1.65231   -9.47976  -11.04945 1.000 56.39080  ? 4 DG B C8    1 
ATOM 298 N N7    . DG C 3 4 ? 2.77607   -9.17757  -10.46662 1.000 55.19684  ? 4 DG B N7    1 
ATOM 299 C C5    . DG C 3 4 ? 2.53810   -7.94299  -9.88068  1.000 50.27826  ? 4 DG B C5    1 
ATOM 300 C C6    . DG C 3 4 ? 3.38460   -7.12105  -9.11104  1.000 50.73181  ? 4 DG B C6    1 
ATOM 301 O O6    . DG C 3 4 ? 4.56869   -7.32117  -8.77756  1.000 54.70434  ? 4 DG B O6    1 
ATOM 302 N N1    . DG C 3 4 ? 2.74219   -5.96391  -8.71600  1.000 45.93563  ? 4 DG B N1    1 
ATOM 303 C C2    . DG C 3 4 ? 1.46019   -5.64035  -9.02115  1.000 44.19751  ? 4 DG B C2    1 
ATOM 304 N N2    . DG C 3 4 ? 1.02889   -4.46766  -8.56743  1.000 45.10512  ? 4 DG B N2    1 
ATOM 305 N N3    . DG C 3 4 ? 0.65675   -6.39753  -9.72709  1.000 48.33128  ? 4 DG B N3    1 
ATOM 306 C C4    . DG C 3 4 ? 1.26013   -7.52729  -10.12818 1.000 50.83303  ? 4 DG B C4    1 
ATOM 307 P P     . DC C 3 5 ? -3.08993  -8.34171  -14.90111 1.000 79.69728  ? 5 DC B P     1 
ATOM 308 O OP1   . DC C 3 5 ? -4.50841  -8.25375  -15.32726 1.000 63.05580  ? 5 DC B OP1   1 
ATOM 309 O OP2   . DC C 3 5 ? -2.17111  -9.15172  -15.74054 1.000 75.02946  ? 5 DC B OP2   1 
ATOM 310 O "O5'" . DC C 3 5 ? -2.44184  -6.86823  -14.69143 1.000 67.29323  ? 5 DC B "O5'" 1 
ATOM 311 C "C5'" . DC C 3 5 ? -2.68019  -6.12281  -13.43917 1.000 64.72029  ? 5 DC B "C5'" 1 
ATOM 312 C "C4'" . DC C 3 5 ? -2.10701  -4.70583  -13.49595 1.000 53.87806  ? 5 DC B "C4'" 1 
ATOM 313 O "O4'" . DC C 3 5 ? -0.93478  -4.60736  -12.62983 1.000 52.87899  ? 5 DC B "O4'" 1 
ATOM 314 C "C3'" . DC C 3 5 ? -1.62543  -4.28211  -14.88065 1.000 50.61929  ? 5 DC B "C3'" 1 
ATOM 315 O "O3'" . DC C 3 5 ? -1.79642  -2.90865  -15.07431 1.000 45.16514  ? 5 DC B "O3'" 1 
ATOM 316 C "C2'" . DC C 3 5 ? -0.16164  -4.62337  -14.81878 1.000 48.60229  ? 5 DC B "C2'" 1 
ATOM 317 C "C1'" . DC C 3 5 ? 0.16967   -4.19299  -13.41286 1.000 48.57015  ? 5 DC B "C1'" 1 
ATOM 318 N N1    . DC C 3 5 ? 1.44171   -4.80176  -12.91892 1.000 46.36540  ? 5 DC B N1    1 
ATOM 319 C C2    . DC C 3 5 ? 2.29041   -4.06180  -12.09043 1.000 46.45205  ? 5 DC B C2    1 
ATOM 320 O O2    . DC C 3 5 ? 1.94718   -2.93115  -11.72654 1.000 47.93419  ? 5 DC B O2    1 
ATOM 321 N N3    . DC C 3 5 ? 3.45421   -4.61564  -11.68006 1.000 48.01153  ? 5 DC B N3    1 
ATOM 322 C C4    . DC C 3 5 ? 3.79019   -5.84175  -12.07661 1.000 48.57496  ? 5 DC B C4    1 
ATOM 323 N N4    . DC C 3 5 ? 4.95744   -6.34463  -11.64127 1.000 44.76514  ? 5 DC B N4    1 
ATOM 324 C C5    . DC C 3 5 ? 2.94560   -6.60684  -12.93577 1.000 51.53114  ? 5 DC B C5    1 
ATOM 325 C C6    . DC C 3 5 ? 1.79731   -6.05039  -13.33583 1.000 49.38670  ? 5 DC B C6    1 
# 
loop_
_atom_site_anisotrop.id 
_atom_site_anisotrop.type_symbol 
_atom_site_anisotrop.pdbx_label_atom_id 
_atom_site_anisotrop.pdbx_label_alt_id 
_atom_site_anisotrop.pdbx_label_comp_id 
_atom_site_anisotrop.pdbx_label_asym_id 
_atom_site_anisotrop.pdbx_label_seq_id 
_atom_site_anisotrop.pdbx_PDB_ins_code 
_atom_site_anisotrop.U[1][1] 
_atom_site_anisotrop.U[2][2] 
_atom_site_anisotrop.U[3][3] 
_atom_site_anisotrop.U[1][2] 
_atom_site_anisotrop.U[1][3] 
_atom_site_anisotrop.U[2][3] 
_atom_site_anisotrop.pdbx_auth_seq_id 
_atom_site_anisotrop.pdbx_auth_comp_id 
_atom_site_anisotrop.pdbx_auth_asym_id 
_atom_site_anisotrop.pdbx_auth_atom_id 
1   P P     . DC A 1 ? 0.62550 0.95740 0.81328 0.12107  -0.00087 0.00398  1 DC C P     
2   O OP1   . DC A 1 ? 0.47171 0.80130 0.66479 0.12721  -0.00439 -0.00393 1 DC C OP1   
3   O OP2   . DC A 1 ? 0.55700 0.88038 0.75185 0.11581  0.00746  0.00112  1 DC C OP2   
4   O "O5'" . DC A 1 ? 0.55096 0.88109 0.72762 0.11828  -0.00771 0.02131  1 DC C "O5'" 
5   C "C5'" . DC A 1 ? 0.46734 0.78432 0.64463 0.11855  -0.01339 0.02572  1 DC C "C5'" 
6   C "C4'" . DC A 1 ? 0.41571 0.72297 0.59141 0.11197  -0.01213 0.03432  1 DC C "C4'" 
7   O "O4'" . DC A 1 ? 0.48542 0.80212 0.65580 0.10666  -0.00756 0.04184  1 DC C "O4'" 
8   C "C3'" . DC A 1 ? 0.34297 0.63744 0.52911 0.11169  -0.00493 0.02448  1 DC C "C3'" 
9   O "O3'" . DC A 1 ? 0.28674 0.57214 0.46731 0.11229  -0.01059 0.03333  1 DC C "O3'" 
10  C "C2'" . DC A 1 ? 0.44249 0.74083 0.62977 0.10639  0.00357  0.02410  1 DC C "C2'" 
11  C "C1'" . DC A 1 ? 0.43402 0.74205 0.60881 0.10261  -0.00155 0.04041  1 DC C "C1'" 
12  N N1    . DC A 1 ? 0.42148 0.73899 0.59424 0.10009  0.00494  0.04196  1 DC C N1    
13  C C2    . DC A 1 ? 0.42324 0.74202 0.58970 0.09445  0.00580  0.05578  1 DC C C2    
14  O O2    . DC A 1 ? 0.36546 0.67752 0.52818 0.09030  0.00078  0.06697  1 DC C O2    
15  N N3    . DC A 1 ? 0.42765 0.75506 0.59230 0.09391  0.01140  0.05718  1 DC C N3    
16  C C4    . DC A 1 ? 0.38260 0.71603 0.55130 0.09833  0.01515  0.04488  1 DC C C4    
17  N N4    . DC A 1 ? 0.28928 0.62995 0.45627 0.09867  0.01965  0.04620  1 DC C N4    
18  C C5    . DC A 1 ? 0.44699 0.77956 0.62211 0.10287  0.01385  0.03126  1 DC C C5    
19  C C6    . DC A 1 ? 0.41839 0.74344 0.59535 0.10373  0.00915  0.03063  1 DC C C6    
20  P P     . DG A 2 ? 0.45746 0.73234 0.64268 0.11508  -0.00340 0.02785  2 DG C P     
21  O OP1   . DG A 2 ? 0.36542 0.63448 0.55318 0.12494  -0.00401 0.01974  2 DG C OP1   
22  O OP2   . DG A 2 ? 0.51188 0.78107 0.70803 0.10790  0.00836  0.01832  2 DG C OP2   
23  O "O5'" . DG A 2 ? 0.47854 0.75428 0.64841 0.11436  -0.01110 0.04911  2 DG C "O5'" 
24  C "C5'" . DG A 2 ? 0.47003 0.75362 0.63286 0.10506  -0.01500 0.06433  2 DG C "C5'" 
25  C "C4'" . DG A 2 ? 0.43409 0.71527 0.59295 0.09983  -0.01311 0.07732  2 DG C "C4'" 
26  O "O4'" . DG A 2 ? 0.42447 0.71107 0.58731 0.09270  -0.00555 0.07522  2 DG C "O4'" 
27  C "C3'" . DG A 2 ? 0.41060 0.68231 0.57414 0.10598  -0.00500 0.06956  2 DG C "C3'" 
28  O "O3'" . DG A 2 ? 0.37204 0.64082 0.52817 0.10154  -0.00824 0.08888  2 DG C "O3'" 
29  C "C2'" . DG A 2 ? 0.35546 0.62580 0.53226 0.10240  0.00806  0.04919  2 DG C "C2'" 
30  C "C1'" . DG A 2 ? 0.37929 0.65805 0.55160 0.09394  0.00554  0.05999  2 DG C "C1'" 
31  N N9    . DG A 2 ? 0.37061 0.64832 0.55137 0.09088  0.01123  0.04483  2 DG C N9    
32  C C8    . DG A 2 ? 0.35028 0.63115 0.53887 0.09532  0.01490  0.03091  2 DG C C8    
33  N N7    . DG A 2 ? 0.36530 0.65502 0.55565 0.09497  0.01978  0.02707  2 DG C N7    
34  C C5    . DG A 2 ? 0.36063 0.65311 0.54390 0.09071  0.02014  0.03893  2 DG C C5    
35  C C6    . DG A 2 ? 0.37045 0.67132 0.55182 0.08984  0.02415  0.04135  2 DG C C6    
36  O O6    . DG A 2 ? 0.30350 0.61083 0.48914 0.09262  0.02780  0.03229  2 DG C O6    
37  N N1    . DG A 2 ? 0.36582 0.66743 0.53976 0.08557  0.02305  0.05700  2 DG C N1    
38  C C2    . DG A 2 ? 0.30543 0.60058 0.47488 0.08156  0.01795  0.06880  2 DG C C2    
39  N N2    . DG A 2 ? 0.27419 0.57201 0.43817 0.07688  0.01704  0.08444  2 DG C N2    
40  N N3    . DG A 2 ? 0.33215 0.61859 0.50302 0.08236  0.01327  0.06582  2 DG C N3    
41  C C4    . DG A 2 ? 0.37099 0.65668 0.54864 0.08752  0.01506  0.05061  2 DG C C4    
42  P P     . DT A 3 ? 0.46929 0.72326 0.62089 0.11048  -0.00577 0.09338  3 DT C P     
43  O OP1   . DT A 3 ? 0.48413 0.72000 0.61535 0.11497  -0.02354 0.10744  3 DT C OP1   
44  O OP2   . DT A 3 ? 0.48865 0.73860 0.65245 0.11716  0.01333  0.06817  3 DT C OP2   
45  O "O5'" . DT A 3 ? 0.39227 0.64589 0.54095 0.10028  -0.00704 0.11190  3 DT C "O5'" 
46  C "C5'" . DT A 3 ? 0.40461 0.67125 0.55609 0.08790  -0.00790 0.11731  3 DT C "C5'" 
47  C "C4'" . DT A 3 ? 0.36327 0.63281 0.52333 0.08628  0.00579  0.11092  3 DT C "C4'" 
48  O "O4'" . DT A 3 ? 0.33882 0.61214 0.50529 0.08543  0.01391  0.09048  3 DT C "O4'" 
49  C "C3'" . DT A 3 ? 0.42919 0.68723 0.59361 0.09527  0.01810  0.10159  3 DT C "C3'" 
50  O "O3'" . DT A 3 ? 0.49546 0.75092 0.65875 0.09136  0.01904  0.11817  3 DT C "O3'" 
51  C "C2'" . DT A 3 ? 0.38142 0.63577 0.55492 0.09507  0.03148  0.07149  3 DT C "C2'" 
52  C "C1'" . DT A 3 ? 0.35312 0.61709 0.52630 0.08684  0.02637  0.07485  3 DT C "C1'" 
53  N N1    . DT A 3 ? 0.32986 0.58999 0.51179 0.08499  0.03122  0.05088  3 DT C N1    
54  C C2    . DT A 3 ? 0.31905 0.57924 0.50308 0.08024  0.03374  0.04738  3 DT C C2    
55  O O2    . DT A 3 ? 0.27520 0.53930 0.45341 0.07784  0.03301  0.06209  3 DT C O2    
56  N N3    . DT A 3 ? 0.32552 0.59057 0.51715 0.08270  0.03876  0.03406  3 DT C N3    
57  C C4    . DT A 3 ? 0.33393 0.59810 0.53379 0.08581  0.04015  0.02073  3 DT C C4    
58  O O4    . DT A 3 ? 0.35908 0.62802 0.56675 0.08734  0.04386  0.01109  3 DT C O4    
59  C C5    . DT A 3 ? 0.34103 0.59790 0.54053 0.08771  0.03677  0.01978  3 DT C C5    
60  C C7    . DT A 3 ? 0.46488 0.72036 0.67371 0.09182  0.03853  0.00743  3 DT C C7    
61  C C6    . DT A 3 ? 0.33252 0.58812 0.52221 0.08815  0.03252  0.03418  3 DT C C6    
62  P P     . DT A 4 ? 0.50402 0.72071 0.63634 0.08447  0.00584  0.13626  4 DT C P     
63  O OP1   . DT A 4 ? 0.46357 0.64147 0.57653 0.08972  0.01777  0.11756  4 DT C OP1   
64  O OP2   . DT A 4 ? 0.68384 0.90469 0.81658 0.07513  0.00217  0.15350  4 DT C OP2   
65  O "O5'" . DT A 4 ? 0.40451 0.61488 0.52006 0.07768  -0.01808 0.15253  4 DT C "O5'" 
66  C "C5'" . DT A 4 ? 0.46401 0.63977 0.55467 0.08084  -0.02281 0.14387  4 DT C "C5'" 
67  C "C4'" . DT A 4 ? 0.46844 0.60402 0.52102 0.06689  -0.04557 0.16310  4 DT C "C4'" 
68  O "O4'" . DT A 4 ? 0.44883 0.53953 0.47070 0.07217  -0.04640 0.15086  4 DT C "O4'" 
69  C "C3'" . DT A 4 ? 0.47599 0.62652 0.53118 0.05589  -0.06242 0.17466  4 DT C "C3'" 
70  O "O3'" . DT A 4 ? 0.44679 0.56549 0.47647 0.03618  -0.07635 0.18388  4 DT C "O3'" 
71  C "C2'" . DT A 4 ? 0.52795 0.66453 0.57075 0.06588  -0.06854 0.16850  4 DT C "C2'" 
72  C "C1'" . DT A 4 ? 0.47971 0.56358 0.48828 0.06877  -0.06592 0.16150  4 DT C "C1'" 
73  N N1    . DT A 4 ? 0.51476 0.57839 0.51265 0.08290  -0.06015 0.14251  4 DT C N1    
74  C C2    . DT A 4 ? 0.60661 0.61820 0.56242 0.07959  -0.07420 0.14622  4 DT C C2    
75  O O2    . DT A 4 ? 0.65503 0.63551 0.58134 0.06424  -0.09217 0.16419  4 DT C O2    
76  N N3    . DT A 4 ? 0.60832 0.60478 0.55736 0.09512  -0.06723 0.12813  4 DT C N3    
77  C C4    . DT A 4 ? 0.55713 0.58648 0.53839 0.11213  -0.04897 0.10763  4 DT C C4    
78  O O4    . DT A 4 ? 0.54784 0.56216 0.52179 0.12578  -0.04465 0.09314  4 DT C O4    
79  C C5    . DT A 4 ? 0.57271 0.65536 0.59701 0.11315  -0.03591 0.10439  4 DT C C5    
80  C C7    . DT A 4 ? 0.60180 0.72300 0.66347 0.12973  -0.01749 0.08233  4 DT C C7    
81  C C6    . DT A 4 ? 0.54189 0.63790 0.57139 0.09918  -0.04155 0.12163  4 DT C C6    
82  P P     . DC A 5 ? 0.41720 0.55468 0.45847 0.02067  -0.08351 0.18974  5 DC C P     
83  O OP1   . DC A 5 ? 0.42549 0.58192 0.48368 0.01397  -0.07714 0.19545  5 DC C OP1   
84  O OP2   . DC A 5 ? 0.41404 0.57872 0.47230 0.02600  -0.08107 0.18569  5 DC C OP2   
85  O "O5'" . DC A 5 ? 0.53978 0.63077 0.54446 0.00855  -0.10086 0.19355  5 DC C "O5'" 
86  C "C5'" . DC A 5 ? 0.56255 0.60713 0.53102 0.01457  -0.10630 0.18929  5 DC C "C5'" 
87  C "C4'" . DC A 5 ? 0.58848 0.61371 0.53861 0.01370  -0.11696 0.18851  5 DC C "C4'" 
88  O "O4'" . DC A 5 ? 0.57905 0.59345 0.51996 0.03087  -0.11462 0.18135  5 DC C "O4'" 
89  C "C3'" . DC A 5 ? 0.67642 0.73682 0.65165 0.00785  -0.11860 0.19209  5 DC C "C3'" 
90  O "O3'" . DC A 5 ? 0.72967 0.76464 0.68412 -0.00252 -0.13122 0.19688  5 DC C "O3'" 
91  C "C2'" . DC A 5 ? 0.61906 0.69883 0.60692 0.02495  -0.11236 0.18389  5 DC C "C2'" 
92  C "C1'" . DC A 5 ? 0.60569 0.63999 0.55867 0.03449  -0.11766 0.17952  5 DC C "C1'" 
93  N N1    . DC A 5 ? 0.61885 0.66448 0.58173 0.05445  -0.11173 0.17128  5 DC C N1    
94  C C2    . DC A 5 ? 0.64918 0.65497 0.58155 0.06473  -0.11851 0.16850  5 DC C C2    
95  O O2    . DC A 5 ? 0.65924 0.62128 0.55549 0.05597  -0.12746 0.17217  5 DC C O2    
96  N N3    . DC A 5 ? 0.66383 0.68631 0.61220 0.08624  -0.11079 0.16060  5 DC C N3    
97  C C4    . DC A 5 ? 0.65456 0.72992 0.64583 0.09632  -0.09366 0.14922  5 DC C C4    
98  N N4    . DC A 5 ? 0.69485 0.78055 0.70087 0.11515  -0.07925 0.12653  5 DC C N4    
99  C C5    . DC A 5 ? 0.57270 0.68739 0.59213 0.08538  -0.08869 0.15499  5 DC C C5    
100 C C6    . DC A 5 ? 0.59077 0.68735 0.59442 0.06434  -0.09775 0.16559  5 DC C C6    
101 P P     . DC A 6 ? 0.77890 0.83242 0.74990 -0.02219 -0.13747 0.20838  6 DC C P     
102 O OP1   . DC A 6 ? 0.67203 0.73419 0.65379 -0.03042 -0.13476 0.21242  6 DC C OP1   
103 O OP2   . DC A 6 ? 0.62428 0.71442 0.62043 -0.02069 -0.13321 0.21074  6 DC C OP2   
104 O "O5'" . DC A 6 ? 0.70227 0.71336 0.64142 -0.03161 -0.15225 0.21161  6 DC C "O5'" 
105 C "C5'" . DC A 6 ? 0.71970 0.69260 0.62680 -0.01992 -0.15472 0.20419  6 DC C "C5'" 
106 C "C4'" . DC A 6 ? 0.78169 0.75741 0.68678 -0.01282 -0.15739 0.20322  6 DC C "C4'" 
107 O "O4'" . DC A 6 ? 0.74393 0.72487 0.64897 0.00842  -0.14919 0.19352  6 DC C "O4'" 
108 C "C3'" . DC A 6 ? 0.79049 0.80449 0.72420 -0.02120 -0.15740 0.21063  6 DC C "C3'" 
109 O "O3'" . DC A 6 ? 0.82985 0.82607 0.75063 -0.03253 -0.16950 0.21798  6 DC C "O3'" 
110 C "C2'" . DC A 6 ? 0.75969 0.79934 0.70773 -0.00312 -0.14797 0.20266  6 DC C "C2'" 
111 C "C1'" . DC A 6 ? 0.74141 0.74845 0.66247 0.01373  -0.14835 0.19303  6 DC C "C1'" 
112 N N1    . DC A 6 ? 0.73362 0.76469 0.67158 0.03251  -0.13892 0.18291  6 DC C N1    
113 C C2    . DC A 6 ? 0.76049 0.77026 0.68100 0.05046  -0.13985 0.17497  6 DC C C2    
114 O O2    . DC A 6 ? 0.74957 0.71899 0.63824 0.05096  -0.14651 0.17697  6 DC C O2    
115 N N3    . DC A 6 ? 0.70647 0.74475 0.65133 0.06619  -0.13242 0.16570  6 DC C N3    
116 C C4    . DC A 6 ? 0.64989 0.73528 0.63249 0.06386  -0.12197 0.16384  6 DC C C4    
117 N N4    . DC A 6 ? 0.63902 0.75710 0.64980 0.07938  -0.11105 0.15309  6 DC C N4    
118 C C5    . DC A 6 ? 0.63360 0.73710 0.62888 0.04667  -0.11977 0.17251  6 DC C C5    
119 C C6    . DC A 6 ? 0.68209 0.75865 0.65603 0.03172  -0.12910 0.18206  6 DC C C6    
120 O "O5'" . DC B 1 ? 0.28914 0.58195 0.56020 0.09762  0.09140  -0.06415 1 DC A "O5'" 
121 C "C5'" . DC B 1 ? 0.32710 0.61786 0.59405 0.09889  0.09105  -0.05390 1 DC A "C5'" 
122 C "C4'" . DC B 1 ? 0.28726 0.56723 0.55249 0.09879  0.10069  -0.04667 1 DC A "C4'" 
123 O "O4'" . DC B 1 ? 0.27006 0.54077 0.53089 0.09793  0.10647  -0.04273 1 DC A "O4'" 
124 C "C3'" . DC B 1 ? 0.26735 0.54114 0.53324 0.09790  0.10134  -0.03588 1 DC A "C3'" 
125 O "O3'" . DC B 1 ? 0.24342 0.52419 0.51026 0.10018  0.10058  -0.03929 1 DC A "O3'" 
126 C "C2'" . DC B 1 ? 0.31111 0.56679 0.56992 0.09542  0.10849  -0.02719 1 DC A "C2'" 
127 C "C1'" . DC B 1 ? 0.27020 0.52702 0.52269 0.09691  0.10977  -0.02893 1 DC A "C1'" 
128 N N1    . DC B 1 ? 0.25816 0.50465 0.50806 0.09345  0.10683  -0.02268 1 DC A N1    
129 C C2    . DC B 1 ? 0.31700 0.54429 0.56832 0.08574  0.10694  -0.01787 1 DC A C2    
130 O O2    . DC B 1 ? 0.29671 0.51723 0.55341 0.08050  0.10838  -0.02258 1 DC A O2    
131 N N3    . DC B 1 ? 0.34399 0.56489 0.59810 0.08010  0.10236  -0.02260 1 DC A N3    
132 C C4    . DC B 1 ? 0.27365 0.50082 0.52421 0.08560  0.10133  -0.01947 1 DC A C4    
133 N N4    . DC B 1 ? 0.28636 0.50689 0.53808 0.08143  0.09716  -0.02308 1 DC A N4    
134 C C5    . DC B 1 ? 0.25603 0.50115 0.50685 0.09299  0.10183  -0.02392 1 DC A C5    
135 C C6    . DC B 1 ? 0.26879 0.52296 0.52213 0.09516  0.10415  -0.02822 1 DC A C6    
136 P P     . DG B 2 ? 0.39559 0.68755 0.65807 0.10070  0.09070  -0.03809 2 DG A P     
137 O OP1   . DG B 2 ? 0.37414 0.68017 0.63404 0.10566  0.08706  -0.04586 2 DG A OP1   
138 O OP2   . DG B 2 ? 0.41248 0.70520 0.67030 0.09824  0.08328  -0.03436 2 DG A OP2   
139 O "O5'" . DG B 2 ? 0.22579 0.51245 0.48858 0.09902  0.09361  -0.03289 2 DG A "O5'" 
140 C "C5'" . DG B 2 ? 0.24765 0.51751 0.51652 0.09445  0.10187  -0.03167 2 DG A "C5'" 
141 C "C4'" . DG B 2 ? 0.27431 0.54913 0.53506 0.09221  0.09495  -0.02787 2 DG A "C4'" 
142 O "O4'" . DG B 2 ? 0.33198 0.59931 0.59046 0.08731  0.09284  -0.02683 2 DG A "O4'" 
143 C "C3'" . DG B 2 ? 0.33433 0.62694 0.57930 0.09688  0.08373  -0.01827 2 DG A "C3'" 
144 O "O3'" . DG B 2 ? 0.37866 0.67673 0.61252 0.09873  0.08093  -0.00695 2 DG A "O3'" 
145 C "C2'" . DG B 2 ? 0.35119 0.64353 0.59079 0.09444  0.07716  -0.01467 2 DG A "C2'" 
146 C "C1'" . DG B 2 ? 0.34905 0.62704 0.59242 0.08907  0.08148  -0.01609 2 DG A "C1'" 
147 N N9    . DG B 2 ? 0.33403 0.60574 0.57887 0.08631  0.07980  -0.01785 2 DG A N9    
148 C C8    . DG B 2 ? 0.28493 0.55498 0.53799 0.08728  0.08172  -0.02327 2 DG A C8    
149 N N7    . DG B 2 ? 0.24082 0.50581 0.49270 0.08563  0.07961  -0.02268 2 DG A N7    
150 C C5    . DG B 2 ? 0.27086 0.53400 0.51217 0.08317  0.07562  -0.01661 2 DG A C5    
151 C C6    . DG B 2 ? 0.26688 0.52463 0.50102 0.08144  0.07215  -0.01268 2 DG A C6    
152 O O6    . DG B 2 ? 0.24195 0.49511 0.47965 0.08156  0.07209  -0.01636 2 DG A O6    
153 N N1    . DG B 2 ? 0.31790 0.57553 0.53912 0.08048  0.06891  -0.00088 2 DG A N1    
154 C C2    . DG B 2 ? 0.36484 0.62727 0.58149 0.08137  0.06922  0.00657  2 DG A C2    
155 N N2    . DG B 2 ? 0.33299 0.59363 0.53852 0.08050  0.06630  0.02174  2 DG A N2    
156 N N3    . DG B 2 ? 0.35444 0.62254 0.57798 0.08344  0.07254  0.00065  2 DG A N3    
157 C C4    . DG B 2 ? 0.32183 0.58972 0.55752 0.08394  0.07549  -0.01140 2 DG A C4    
158 P P     . DA B 3 ? 0.43551 0.75132 0.65254 0.10375  0.07241  0.00892  3 DA A P     
159 O OP1   . DA B 3 ? 0.56920 0.89483 0.78770 0.10986  0.07478  0.00422  3 DA A OP1   
160 O OP2   . DA B 3 ? 0.39058 0.71103 0.59974 0.10223  0.06480  0.01448  3 DA A OP2   
161 O "O5'" . DA B 3 ? 0.35835 0.67338 0.56690 0.10340  0.07165  0.02469  3 DA A "O5'" 
162 C "C5'" . DA B 3 ? 0.38597 0.68733 0.59680 0.09832  0.07344  0.02458  3 DA A "C5'" 
163 C "C4'" . DA B 3 ? 0.41995 0.72359 0.61881 0.09588  0.06618  0.04229  3 DA A "C4'" 
164 O "O4'" . DA B 3 ? 0.37972 0.67560 0.58048 0.09164  0.06389  0.03572  3 DA A "O4'" 
165 C "C3'" . DA B 3 ? 0.43526 0.75595 0.62296 0.09876  0.05987  0.05826  3 DA A "C3'" 
166 O "O3'" . DA B 3 ? 0.44934 0.77317 0.62943 0.09726  0.05704  0.07844  3 DA A "O3'" 
167 C "C2'" . DA B 3 ? 0.46551 0.78722 0.65078 0.09637  0.05455  0.05516  3 DA A "C2'" 
168 C "C1'" . DA B 3 ? 0.41105 0.71620 0.60178 0.09143  0.05596  0.04809  3 DA A "C1'" 
169 N N9    . DA B 3 ? 0.38472 0.68593 0.57988 0.09013  0.05441  0.03661  3 DA A N9    
170 C C8    . DA B 3 ? 0.37306 0.67654 0.57653 0.09234  0.05647  0.02205  3 DA A C8    
171 N N7    . DA B 3 ? 0.36974 0.66901 0.57673 0.09109  0.05457  0.01537  3 DA A N7    
172 C C5    . DA B 3 ? 0.37057 0.66388 0.57079 0.08802  0.05112  0.02504  3 DA A C5    
173 C C6    . DA B 3 ? 0.33793 0.62472 0.53793 0.08643  0.04803  0.02397  3 DA A C6    
174 N N6    . DA B 3 ? 0.36611 0.65188 0.57346 0.08802  0.04814  0.01276  3 DA A N6    
175 N N1    . DA B 3 ? 0.28190 0.56349 0.47436 0.08367  0.04477  0.03576  3 DA A N1    
176 C C2    . DA B 3 ? 0.33696 0.62034 0.52320 0.08212  0.04455  0.04882  3 DA A C2    
177 N N3    . DA B 3 ? 0.37507 0.66489 0.56109 0.08377  0.04749  0.05176  3 DA A N3    
178 C C4    . DA B 3 ? 0.37986 0.67425 0.57280 0.08697  0.05078  0.03865  3 DA A C4    
179 P P     . DC B 4 ? 0.56848 0.91093 0.73815 0.09836  0.05199  0.09937  4 DC A P     
180 O OP1   . DC B 4 ? 0.56948 0.91962 0.74015 0.10386  0.05632  0.10533  4 DC A OP1   
181 O OP2   . DC B 4 ? 0.47493 0.82626 0.64030 0.09907  0.04843  0.09633  4 DC A OP2   
182 O "O5'" . DC B 4 ? 0.60387 0.94329 0.76876 0.09114  0.04665  0.11731  4 DC A "O5'" 
183 C "C5'" . DC B 4 ? 0.49920 0.82321 0.66630 0.08618  0.04488  0.11065  4 DC A "C5'" 
184 C "C4'" . DC B 4 ? 0.46705 0.79402 0.62838 0.08078  0.03781  0.12011  4 DC A "C4'" 
185 O "O4'" . DC B 4 ? 0.47001 0.78998 0.63403 0.08162  0.03741  0.10317  4 DC A "O4'" 
186 C "C3'" . DC B 4 ? 0.56286 0.90843 0.71731 0.07981  0.03441  0.13690  4 DC A "C3'" 
187 O "O3'" . DC B 4 ? 0.64415 0.99104 0.79613 0.07120  0.02924  0.15625  4 DC A "O3'" 
188 C "C2'" . DC B 4 ? 0.52468 0.87252 0.67735 0.08166  0.03252  0.12589  4 DC A "C2'" 
189 C "C1'" . DC B 4 ? 0.46367 0.79354 0.62178 0.08023  0.03211  0.11039  4 DC A "C1'" 
190 N N1    . DC B 4 ? 0.43972 0.76757 0.60160 0.08425  0.03289  0.09129  4 DC A N1    
191 C C2    . DC B 4 ? 0.38773 0.70663 0.55154 0.08243  0.02954  0.08447  4 DC A C2    
192 O O2    . DC B 4 ? 0.42057 0.73306 0.58218 0.07771  0.02567  0.09369  4 DC A O2    
193 N N3    . DC B 4 ? 0.34445 0.66245 0.51329 0.08611  0.03031  0.06827  4 DC A N3    
194 C C4    . DC B 4 ? 0.37728 0.70258 0.54905 0.09055  0.03370  0.05899  4 DC A C4    
195 N N4    . DC B 4 ? 0.43329 0.75816 0.61105 0.09344  0.03378  0.04421  4 DC A N4    
196 C C5    . DC B 4 ? 0.40206 0.73568 0.57153 0.09262  0.03701  0.06466  4 DC A C5    
197 C C6    . DC B 4 ? 0.45834 0.79294 0.62299 0.08982  0.03673  0.08064  4 DC A C6    
198 P P     . DG B 5 ? 0.58653 0.95133 0.73416 0.06498  0.02561  0.17816  5 DG A P     
199 O OP1   . DG B 5 ? 0.64524 1.01597 0.79547 0.06043  0.02582  0.19603  5 DG A OP1   
200 O OP2   . DG B 5 ? 0.47966 0.85932 0.62310 0.07048  0.02756  0.17667  5 DG A OP2   
201 O "O5'" . DG B 5 ? 0.48355 0.83924 0.63132 0.05578  0.01878  0.18073  5 DG A "O5'" 
202 C "C5'" . DG B 5 ? 0.51247 0.87760 0.66130 0.04453  0.01415  0.20078  5 DG A "C5'" 
203 C "C4'" . DG B 5 ? 0.52252 0.87697 0.67207 0.03854  0.00708  0.19652  5 DG A "C4'" 
204 O "O4'" . DG B 5 ? 0.53143 0.87475 0.67856 0.04868  0.00861  0.17420  5 DG A "O4'" 
205 C "C3'" . DG B 5 ? 0.47766 0.84481 0.62787 0.03155  0.00350  0.20808  5 DG A "C3'" 
206 O "O3'" . DG B 5 ? 0.53599 0.89413 0.68991 0.02242  -0.00576 0.21115  5 DG A "O3'" 
207 C "C2'" . DG B 5 ? 0.41289 0.78343 0.55733 0.04320  0.00729  0.19356  5 DG A "C2'" 
208 C "C1'" . DG B 5 ? 0.48178 0.83294 0.62630 0.05075  0.00734  0.17171  5 DG A "C1'" 
209 N N9    . DG B 5 ? 0.51399 0.86721 0.65700 0.06232  0.01299  0.15412  5 DG A N9    
210 C C8    . DG B 5 ? 0.53117 0.89383 0.67308 0.06861  0.01916  0.15242  5 DG A C8    
211 N N7    . DG B 5 ? 0.45440 0.81667 0.59698 0.07680  0.02196  0.13456  5 DG A N7    
212 C C5    . DG B 5 ? 0.48166 0.83466 0.62598 0.07643  0.01800  0.12434  5 DG A C5    
213 C C6    . DG B 5 ? 0.46937 0.81892 0.61685 0.08266  0.01854  0.10501  5 DG A C6    
214 O O6    . DG B 5 ? 0.45532 0.80933 0.60485 0.08868  0.02248  0.09294  5 DG A O6    
215 N N1    . DG B 5 ? 0.38204 0.72211 0.53156 0.08122  0.01333  0.10029  5 DG A N1    
216 C C2    . DG B 5 ? 0.39382 0.72744 0.54180 0.07451  0.00747  0.11236  5 DG A C2    
217 N N2    . DG B 5 ? 0.42924 0.75311 0.57914 0.07539  0.00165  0.10573  5 DG A N2    
218 N N3    . DG B 5 ? 0.44237 0.77887 0.58783 0.06706  0.00635  0.13043  5 DG A N3    
219 C C4    . DG B 5 ? 0.50180 0.84865 0.64585 0.06848  0.01229  0.13582  5 DG A C4    
220 P P     . DG C 1 ? 0.73572 0.78326 0.71881 0.22993  -0.10446 0.05494  1 DG B P     
221 O OP1   . DG C 1 ? 0.75510 0.80022 0.73217 0.23105  -0.11642 0.05790  1 DG B OP1   
222 O OP2   . DG C 1 ? 0.73364 0.80855 0.75002 0.24217  -0.08080 0.03174  1 DG B OP2   
223 O "O5'" . DG C 1 ? 0.78567 0.76349 0.71569 0.22760  -0.11405 0.06396  1 DG B "O5'" 
224 C "C5'" . DG C 1 ? 0.90082 0.83734 0.79263 0.21766  -0.13492 0.08016  1 DG B "C5'" 
225 C "C4'" . DG C 1 ? 0.96774 0.84813 0.81592 0.20172  -0.14313 0.09260  1 DG B "C4'" 
226 O "O4'" . DG C 1 ? 0.95893 0.86229 0.81945 0.17600  -0.14633 0.10984  1 DG B "O4'" 
227 C "C3'" . DG C 1 ? 1.02271 0.87563 0.85931 0.21174  -0.12624 0.07655  1 DG B "C3'" 
228 O "O3'" . DG C 1 ? 1.07761 0.86019 0.85954 0.20626  -0.13732 0.08318  1 DG B "O3'" 
229 C "C2'" . DG C 1 ? 0.94778 0.83618 0.81253 0.19681  -0.11388 0.07876  1 DG B "C2'" 
230 C "C1'" . DG C 1 ? 0.90221 0.79835 0.76146 0.17455  -0.13433 0.10476  1 DG B "C1'" 
231 N N9    . DG C 1 ? 0.79535 0.74957 0.69670 0.16572  -0.12576 0.10842  1 DG B N9    
232 C C8    . DG C 1 ? 0.76693 0.77463 0.71411 0.17781  -0.10679 0.09172  1 DG B C8    
233 N N7    . DG C 1 ? 0.71849 0.76819 0.69368 0.16654  -0.10330 0.09967  1 DG B N7    
234 C C5    . DG C 1 ? 0.72951 0.75526 0.67841 0.14587  -0.12074 0.12371  1 DG B C5    
235 C C6    . DG C 1 ? 0.72415 0.77351 0.68755 0.12423  -0.12394 0.13835  1 DG B C6    
236 O O6    . DG C 1 ? 0.66649 0.76193 0.66578 0.12211  -0.11131 0.13343  1 DG B O6    
237 N N1    . DG C 1 ? 0.74794 0.75424 0.67302 0.10515  -0.13958 0.15126  1 DG B N1    
238 C C2    . DG C 1 ? 0.75855 0.72505 0.64871 0.10503  -0.14476 0.15864  1 DG B C2    
239 N N2    . DG C 1 ? 0.79712 0.74065 0.66552 0.08527  -0.14980 0.16705  1 DG B N2    
240 N N3    . DG C 1 ? 0.76321 0.69947 0.64050 0.11933  -0.14790 0.14766  1 DG B N3    
241 C C4    . DG C 1 ? 0.77044 0.73700 0.67374 0.14416  -0.13544 0.12936  1 DG B C4    
242 P P     . DG C 2 ? 1.11498 0.85550 0.87372 0.22139  -0.12004 0.06386  2 DG B P     
243 O OP1   . DG C 2 ? 1.03946 0.74841 0.77608 0.24319  -0.12464 0.05503  2 DG B OP1   
244 O OP2   . DG C 2 ? 1.09584 0.88248 0.89787 0.22664  -0.09364 0.04785  2 DG B OP2   
245 O "O5'" . DG C 2 ? 1.26064 0.94275 0.97029 0.20031  -0.13063 0.07775  2 DG B "O5'" 
246 C "C5'" . DG C 2 ? 1.25709 0.91610 0.94250 0.17491  -0.15257 0.09614  2 DG B "C5'" 
247 C "C4'" . DG C 2 ? 1.14152 0.80842 0.83011 0.14579  -0.15587 0.11042  2 DG B "C4'" 
248 O "O4'" . DG C 2 ? 1.09115 0.82102 0.82621 0.14374  -0.15084 0.11652  2 DG B "O4'" 
249 C "C3'" . DG C 2 ? 1.11972 0.74739 0.78002 0.14642  -0.14622 0.10380  2 DG B "C3'" 
250 O "O3'" . DG C 2 ? 1.23996 0.85034 0.88413 0.11591  -0.15691 0.11574  2 DG B "O3'" 
251 C "C2'" . DG C 2 ? 1.02838 0.70535 0.72909 0.15430  -0.12932 0.09965  2 DG B "C2'" 
252 C "C1'" . DG C 2 ? 1.05528 0.78382 0.79015 0.13876  -0.14196 0.11690  2 DG B "C1'" 
253 N N9    . DG C 2 ? 0.96259 0.75916 0.75208 0.14375  -0.12559 0.11078  2 DG B N9    
254 C C8    . DG C 2 ? 0.96462 0.79873 0.79038 0.16426  -0.10450 0.08948  2 DG B C8    
255 N N7    . DG C 2 ? 0.89395 0.78651 0.76574 0.16174  -0.09310 0.08758  2 DG B N7    
256 C C5    . DG C 2 ? 0.81652 0.71148 0.68279 0.13947  -0.10629 0.10909  2 DG B C5    
257 C C6    . DG C 2 ? 0.70567 0.65071 0.60778 0.12883  -0.10193 0.11717  2 DG B C6    
258 O O6    . DG C 2 ? 0.58419 0.57954 0.52864 0.13668  -0.08546 0.10595  2 DG B O6    
259 N N1    . DG C 2 ? 0.74003 0.67160 0.62420 0.10705  -0.11974 0.14090  2 DG B N1    
260 C C2    . DG C 2 ? 0.82720 0.70552 0.66697 0.09417  -0.13775 0.15338  2 DG B C2    
261 N N2    . DG C 2 ? 0.90567 0.79481 0.74806 0.07178  -0.13993 0.16563  2 DG B N2    
262 N N3    . DG C 2 ? 0.79894 0.62853 0.60427 0.10242  -0.14138 0.14463  2 DG B N3    
263 C C4    . DG C 2 ? 0.85777 0.69544 0.67497 0.12739  -0.12686 0.12399  2 DG B C4    
264 P P     . DA C 3 ? 1.55532 1.11476 1.15984 0.11030  -0.15206 0.10971  3 DA B P     
265 O OP1   . DA C 3 ? 1.38452 0.88450 0.94257 0.12175  -0.15476 0.09798  3 DA B OP1   
266 O OP2   . DA C 3 ? 1.36600 0.94016 0.98375 0.12222  -0.13419 0.10460  3 DA B OP2   
267 O "O5'" . DA C 3 ? 1.28294 0.85223 0.89272 0.07642  -0.16520 0.12478  3 DA B "O5'" 
268 C "C5'" . DA C 3 ? 1.23783 0.86285 0.88955 0.06123  -0.17085 0.13978  3 DA B "C5'" 
269 C "C4'" . DA C 3 ? 1.19348 0.84668 0.86578 0.04510  -0.16734 0.14839  3 DA B "C4'" 
270 O "O4'" . DA C 3 ? 1.12322 0.82675 0.83364 0.05452  -0.15599 0.15100  3 DA B "O4'" 
271 C "C3'" . DA C 3 ? 1.17985 0.79302 0.82168 0.04213  -0.16324 0.14161  3 DA B "C3'" 
272 O "O3'" . DA C 3 ? 1.24809 0.87524 0.89975 0.01944  -0.17046 0.15157  3 DA B "O3'" 
273 C "C2'" . DA C 3 ? 1.10825 0.73638 0.76283 0.06000  -0.14557 0.13555  3 DA B "C2'" 
274 C "C1'" . DA C 3 ? 1.04568 0.73947 0.75011 0.05900  -0.14479 0.14598  3 DA B "C1'" 
275 N N9    . DA C 3 ? 0.99412 0.70826 0.71612 0.08283  -0.13245 0.13823  3 DA B N9    
276 C C8    . DA C 3 ? 0.96223 0.65815 0.67316 0.10921  -0.12467 0.12295  3 DA B C8    
277 N N7    . DA C 3 ? 0.88085 0.63194 0.64044 0.12216  -0.10304 0.10866  3 DA B N7    
278 C C5    . DA C 3 ? 0.86415 0.65600 0.65305 0.10753  -0.10266 0.12021  3 DA B C5    
279 C C6    . DA C 3 ? 0.78595 0.63967 0.62648 0.11091  -0.08538 0.11395  3 DA B C6    
280 N N6    . DA C 3 ? 0.73635 0.62364 0.61035 0.12938  -0.06526 0.09357  3 DA B N6    
281 N N1    . DA C 3 ? 0.72736 0.60674 0.58372 0.09456  -0.09020 0.12961  3 DA B N1    
282 C C2    . DA C 3 ? 0.70183 0.55014 0.52733 0.07561  -0.11118 0.15029  3 DA B C2    
283 N N3    . DA C 3 ? 0.83080 0.62873 0.61474 0.06764  -0.12587 0.15524  3 DA B N3    
284 C C4    . DA C 3 ? 0.91769 0.68070 0.67716 0.08599  -0.12420 0.14191  3 DA B C4    
285 P P     . DG C 4 ? 1.35431 0.93830 0.97170 0.00930  -0.17327 0.14682  4 DG B P     
286 O OP1   . DG C 4 ? 1.15157 0.73332 0.76759 -0.01328 -0.19030 0.15484  4 DG B OP1   
287 O OP2   . DG C 4 ? 1.30562 0.83269 0.87760 0.02553  -0.16755 0.13155  4 DG B OP2   
288 O "O5'" . DG C 4 ? 1.32044 0.93776 0.96338 0.00991  -0.15988 0.15038  4 DG B "O5'" 
289 C "C5'" . DG C 4 ? 1.17104 0.84687 0.85904 0.00156  -0.15922 0.16262  4 DG B "C5'" 
290 C "C4'" . DG C 4 ? 1.00983 0.70806 0.71509 0.00680  -0.14496 0.16336  4 DG B "C4'" 
291 O "O4'" . DG C 4 ? 0.95761 0.67376 0.67784 0.02530  -0.13314 0.15966  4 DG B "O4'" 
292 C "C3'" . DG C 4 ? 1.04457 0.69878 0.71569 0.00750  -0.13955 0.15535  4 DG B "C3'" 
293 O "O3'" . DG C 4 ? 1.09273 0.76727 0.77886 -0.00465 -0.13991 0.16258  4 DG B "O3'" 
294 C "C2'" . DG C 4 ? 0.94413 0.58816 0.60917 0.02881  -0.12140 0.14580  4 DG B "C2'" 
295 C "C1'" . DG C 4 ? 0.94011 0.63769 0.64782 0.03561  -0.11885 0.15243  4 DG B "C1'" 
296 N N9    . DG C 4 ? 0.92506 0.61141 0.62642 0.05958  -0.10844 0.14154  4 DG B N9    
297 C C8    . DG C 4 ? 0.94265 0.58740 0.61254 0.07355  -0.10817 0.12987  4 DG B C8    
298 N N7    . DG C 4 ? 0.91240 0.57946 0.60536 0.09514  -0.08988 0.11419  4 DG B N7    
299 C C5    . DG C 4 ? 0.81232 0.54126 0.55676 0.09319  -0.07733 0.11428  4 DG B C5    
300 C C6    . DG C 4 ? 0.78355 0.56634 0.57769 0.10802  -0.05507 0.09812  4 DG B C6    
301 O O6    . DG C 4 ? 0.82742 0.61765 0.63344 0.12644  -0.04151 0.08015  4 DG B O6    
302 N N1    . DG C 4 ? 0.69385 0.52513 0.52637 0.10002  -0.04949 0.10428  4 DG B N1    
303 C C2    . DG C 4 ? 0.67410 0.50490 0.50030 0.08149  -0.06287 0.12385  4 DG B C2    
304 N N2    . DG C 4 ? 0.65546 0.53609 0.52224 0.07848  -0.05364 0.12643  4 DG B N2    
305 N N3    . DG C 4 ? 0.75616 0.54078 0.53941 0.06711  -0.08419 0.13970  4 DG B N3    
306 C C4    . DG C 4 ? 0.81810 0.55216 0.56117 0.07342  -0.09051 0.13356  4 DG B C4    
307 P P     . DC C 5 ? 1.24421 0.88280 0.90112 -0.00632 -0.13427 0.15674  5 DC B P     
308 O OP1   . DC C 5 ? 1.02522 0.67824 0.69237 -0.02406 -0.14621 0.16535  5 DC B OP1   
309 O OP2   . DC C 5 ? 1.22217 0.79935 0.82926 0.00065  -0.13423 0.14341  5 DC B OP2   
310 O "O5'" . DC C 5 ? 1.07360 0.73382 0.74942 0.00713  -0.11359 0.15582  5 DC B "O5'" 
311 C "C5'" . DC C 5 ? 1.00665 0.72404 0.72838 0.01038  -0.10901 0.16472  5 DC B "C5'" 
312 C "C4'" . DC C 5 ? 0.86326 0.58935 0.59452 0.02131  -0.09057 0.16281  5 DC B "C4'" 
313 O "O4'" . DC C 5 ? 0.84910 0.57637 0.58370 0.04025  -0.08055 0.15588  5 DC B "O4'" 
314 C "C3'" . DC C 5 ? 0.85024 0.52843 0.54463 0.02453  -0.07883 0.15312  5 DC B "C3'" 
315 O "O3'" . DC C 5 ? 0.77049 0.46555 0.48004 0.02584  -0.06557 0.15627  5 DC B "O3'" 
316 C "C2'" . DC C 5 ? 0.84618 0.48719 0.51329 0.04497  -0.06460 0.13843  5 DC B "C2'" 
317 C "C1'" . DC C 5 ? 0.80707 0.50997 0.52840 0.05418  -0.05555 0.13501  5 DC B "C1'" 
318 N N1    . DC C 5 ? 0.77747 0.48030 0.50390 0.07207  -0.04383 0.11656  5 DC B N1    
319 C C2    . DC C 5 ? 0.74476 0.49939 0.52081 0.08604  -0.02151 0.10087  5 DC B C2    
320 O O2    . DC C 5 ? 0.73629 0.53487 0.55012 0.08309  -0.01223 0.10261  5 DC B O2    
321 N N3    . DC C 5 ? 0.76243 0.51785 0.54395 0.10263  -0.01176 0.08441  5 DC B N3    
322 C C4    . DC C 5 ? 0.80033 0.50611 0.53919 0.10689  -0.02210 0.08299  5 DC B C4    
323 N N4    . DC C 5 ? 0.74779 0.45780 0.49527 0.12508  -0.01175 0.06668  5 DC B N4    
324 C C5    . DC C 5 ? 0.87472 0.52351 0.55971 0.09293  -0.04429 0.09811  5 DC B C5    
325 C C6    . DC C 5 ? 0.84848 0.49837 0.52962 0.07529  -0.05478 0.11443  5 DC B C6    
# 
